data_4M4N
#
_entry.id   4M4N
#
_cell.length_a   75.910
_cell.length_b   58.070
_cell.length_c   94.440
_cell.angle_alpha   90.000
_cell.angle_beta   99.910
_cell.angle_gamma   90.000
#
_symmetry.space_group_name_H-M   'P 1 21 1'
#
loop_
_entity.id
_entity.type
_entity.pdbx_description
1 polymer 'Extracellular sialidase/neuraminidase, putative'
2 non-polymer 'SODIUM ION'
3 non-polymer GLYCEROL
4 water water
#
_entity_poly.entity_id   1
_entity_poly.type   'polypeptide(L)'
_entity_poly.pdbx_seq_one_letter_code
;HHHHHHSSGLVPRGSHMQSMRFMILALLVQFLPAWAINDPAKSAAPYHDEFPLFRSANMASPDKLSTGIGFHSFRIPAVV
RTTTGRILAFAEGRRHTNQDFGDINLVYKRTKTTANNGASPSDWEPLREVVGSGAGTWGNPTPVVDDDNTIYLFLSWNGA
TYSQNGKDVLPDGTVTKKIDSTWEGRRHLYLTESRDDGNTWSKPVDLTKELTPDGWAWDAVGPGNGIRLTTGELVIPAMG
RNIIGRGAPGNRTWSVQRLSGAGAEGTIVQTPDGKLYRNDRPSQKGYRMVARGTLEGFGAFAPDAGLPDPACQGSVLRYN
SDAPARTIFLNSASGTSRRAMRVRISYDADAKKFNYGRKLEDAKVSGAGHEGGHSSMTKTGDYKIGALVESDFFNDGTGK
NSYRAIIWRRFNLSWILNGPNN
;
_entity_poly.pdbx_strand_id   A,B
#
loop_
_chem_comp.id
_chem_comp.type
_chem_comp.name
_chem_comp.formula
GOL non-polymer GLYCEROL 'C3 H8 O3'
NA non-polymer 'SODIUM ION' 'Na 1'
#
# COMPACT_ATOMS: atom_id res chain seq x y z
N ILE A 37 11.67 8.06 -4.29
CA ILE A 37 11.65 8.73 -5.63
C ILE A 37 10.76 7.94 -6.61
N ASN A 38 10.87 6.62 -6.57
CA ASN A 38 10.11 5.72 -7.43
C ASN A 38 8.65 5.56 -7.00
N ASP A 39 7.77 5.54 -8.00
CA ASP A 39 6.37 5.25 -7.77
C ASP A 39 5.90 4.34 -8.90
N PRO A 40 5.55 3.08 -8.56
CA PRO A 40 5.12 2.09 -9.55
C PRO A 40 3.89 2.55 -10.33
N ALA A 41 3.12 3.48 -9.75
CA ALA A 41 1.91 3.98 -10.39
C ALA A 41 2.19 4.66 -11.73
N LYS A 42 3.36 5.28 -11.88
CA LYS A 42 3.66 5.99 -13.12
C LYS A 42 3.72 5.05 -14.34
N SER A 43 4.04 3.78 -14.09
CA SER A 43 4.15 2.78 -15.17
CA SER A 43 4.16 2.79 -15.17
C SER A 43 2.81 2.19 -15.59
N ALA A 44 1.77 2.43 -14.80
CA ALA A 44 0.43 1.99 -15.18
C ALA A 44 -0.07 2.86 -16.33
N ALA A 45 -1.01 2.34 -17.10
CA ALA A 45 -1.63 3.11 -18.16
C ALA A 45 -2.35 4.29 -17.51
N PRO A 46 -2.07 5.52 -17.97
CA PRO A 46 -2.81 6.68 -17.46
C PRO A 46 -4.28 6.56 -17.83
N TYR A 47 -5.14 7.02 -16.93
CA TYR A 47 -6.59 6.96 -17.14
C TYR A 47 -7.26 8.26 -16.69
N HIS A 48 -8.12 8.81 -17.54
CA HIS A 48 -8.97 9.92 -17.12
C HIS A 48 -10.29 9.92 -17.88
N ASP A 49 -11.37 10.31 -17.20
CA ASP A 49 -12.63 10.61 -17.89
C ASP A 49 -13.41 11.56 -17.01
N GLU A 50 -14.30 12.32 -17.61
CA GLU A 50 -14.91 13.45 -16.91
C GLU A 50 -16.16 13.89 -17.63
N PHE A 51 -17.16 14.31 -16.84
CA PHE A 51 -18.46 14.75 -17.35
C PHE A 51 -19.22 15.54 -16.28
N PRO A 52 -20.16 16.44 -16.69
CA PRO A 52 -20.96 17.14 -15.68
C PRO A 52 -21.81 16.13 -14.91
N LEU A 53 -21.86 16.27 -13.59
CA LEU A 53 -22.71 15.41 -12.76
C LEU A 53 -23.89 16.18 -12.18
N PHE A 54 -23.70 17.45 -11.90
CA PHE A 54 -24.81 18.31 -11.45
C PHE A 54 -24.95 19.41 -12.49
N ARG A 55 -26.05 19.32 -13.24
CA ARG A 55 -26.28 20.14 -14.43
C ARG A 55 -27.23 21.29 -14.11
N SER A 56 -26.69 22.51 -14.24
CA SER A 56 -27.42 23.75 -13.88
C SER A 56 -28.61 24.01 -14.81
N ALA A 57 -29.48 24.94 -14.43
CA ALA A 57 -30.76 25.17 -15.11
C ALA A 57 -30.63 25.53 -16.59
N ASN A 58 -29.49 26.08 -16.97
CA ASN A 58 -29.22 26.52 -18.35
C ASN A 58 -28.81 25.40 -19.29
N MET A 59 -28.42 24.26 -18.74
CA MET A 59 -27.92 23.14 -19.54
C MET A 59 -29.06 22.30 -20.09
N ALA A 60 -28.78 21.56 -21.15
CA ALA A 60 -29.70 20.54 -21.65
C ALA A 60 -29.82 19.52 -20.54
N SER A 61 -31.01 18.97 -20.36
CA SER A 61 -31.27 18.01 -19.28
C SER A 61 -30.75 18.53 -17.92
N PRO A 62 -31.29 19.67 -17.44
CA PRO A 62 -30.87 20.15 -16.13
C PRO A 62 -31.31 19.19 -15.03
N ASP A 63 -30.54 19.12 -13.96
CA ASP A 63 -30.90 18.25 -12.84
C ASP A 63 -31.99 18.84 -11.98
N LYS A 64 -33.04 18.05 -11.78
CA LYS A 64 -34.21 18.43 -11.03
C LYS A 64 -34.59 17.22 -10.16
N LEU A 65 -35.25 17.50 -9.04
CA LEU A 65 -35.76 16.44 -8.18
C LEU A 65 -37.01 15.80 -8.82
N SER A 66 -37.40 14.62 -8.32
CA SER A 66 -38.61 13.92 -8.79
C SER A 66 -39.88 14.73 -8.60
N THR A 67 -39.85 15.67 -7.65
CA THR A 67 -40.97 16.55 -7.34
C THR A 67 -41.15 17.67 -8.37
N GLY A 68 -40.14 17.84 -9.22
CA GLY A 68 -40.14 18.90 -10.23
C GLY A 68 -39.35 20.12 -9.83
N ILE A 69 -38.91 20.15 -8.57
CA ILE A 69 -38.12 21.27 -8.04
C ILE A 69 -36.76 21.32 -8.75
N GLY A 70 -36.45 22.47 -9.35
CA GLY A 70 -35.19 22.68 -10.05
C GLY A 70 -34.28 23.71 -9.39
N PHE A 71 -33.08 23.86 -9.95
CA PHE A 71 -32.02 24.68 -9.32
C PHE A 71 -31.25 25.48 -10.35
N HIS A 72 -31.12 26.77 -10.08
CA HIS A 72 -30.32 27.64 -10.91
C HIS A 72 -28.89 27.08 -11.01
N SER A 73 -28.31 26.83 -9.84
CA SER A 73 -26.92 26.44 -9.74
C SER A 73 -26.74 25.29 -8.76
N PHE A 74 -25.66 24.53 -8.95
CA PHE A 74 -25.18 23.59 -7.94
C PHE A 74 -23.78 24.04 -7.56
N ARG A 75 -23.51 24.13 -6.25
CA ARG A 75 -22.21 24.55 -5.74
C ARG A 75 -21.87 23.69 -4.52
N ILE A 76 -20.64 23.83 -4.01
CA ILE A 76 -20.24 23.23 -2.74
C ILE A 76 -20.35 21.68 -2.76
N PRO A 77 -19.51 21.03 -3.59
CA PRO A 77 -19.46 19.57 -3.67
C PRO A 77 -18.89 18.87 -2.43
N ALA A 78 -19.29 17.61 -2.25
CA ALA A 78 -18.70 16.72 -1.24
C ALA A 78 -18.95 15.31 -1.74
N VAL A 79 -17.95 14.45 -1.61
CA VAL A 79 -18.05 13.08 -2.10
C VAL A 79 -17.38 12.09 -1.15
N VAL A 80 -18.04 10.95 -0.93
CA VAL A 80 -17.46 9.84 -0.19
C VAL A 80 -17.80 8.51 -0.87
N ARG A 81 -16.92 7.54 -0.70
CA ARG A 81 -17.21 6.15 -1.06
C ARG A 81 -17.60 5.41 0.21
N THR A 82 -18.72 4.72 0.17
CA THR A 82 -19.18 3.99 1.35
C THR A 82 -18.44 2.64 1.48
N THR A 83 -18.68 1.91 2.57
CA THR A 83 -18.00 0.60 2.76
C THR A 83 -18.45 -0.45 1.74
N THR A 84 -19.57 -0.20 1.05
CA THR A 84 -20.04 -1.14 0.01
C THR A 84 -19.35 -0.90 -1.34
N GLY A 85 -18.72 0.27 -1.48
CA GLY A 85 -18.21 0.72 -2.78
C GLY A 85 -19.07 1.75 -3.51
N ARG A 86 -20.31 1.95 -3.05
CA ARG A 86 -21.22 2.95 -3.62
C ARG A 86 -20.60 4.34 -3.43
N ILE A 87 -20.80 5.23 -4.39
CA ILE A 87 -20.30 6.59 -4.24
C ILE A 87 -21.47 7.54 -4.05
N LEU A 88 -21.32 8.44 -3.07
CA LEU A 88 -22.35 9.42 -2.72
C LEU A 88 -21.79 10.82 -2.99
N ALA A 89 -22.44 11.53 -3.90
CA ALA A 89 -22.01 12.87 -4.28
C ALA A 89 -23.05 13.89 -3.79
N PHE A 90 -22.61 14.86 -2.98
CA PHE A 90 -23.51 15.85 -2.41
C PHE A 90 -23.22 17.24 -2.96
N ALA A 91 -24.25 18.09 -2.98
CA ALA A 91 -24.02 19.48 -3.37
C ALA A 91 -25.11 20.36 -2.78
N GLU A 92 -24.82 21.65 -2.73
CA GLU A 92 -25.86 22.62 -2.50
C GLU A 92 -26.63 22.89 -3.78
N GLY A 93 -27.95 22.66 -3.73
CA GLY A 93 -28.83 23.02 -4.83
C GLY A 93 -29.33 24.44 -4.57
N ARG A 94 -28.75 25.39 -5.28
CA ARG A 94 -29.06 26.81 -5.05
C ARG A 94 -30.20 27.20 -5.99
N ARG A 95 -31.37 27.37 -5.41
CA ARG A 95 -32.62 27.37 -6.17
C ARG A 95 -32.74 28.45 -7.22
N HIS A 96 -32.39 29.68 -6.83
CA HIS A 96 -32.78 30.87 -7.60
C HIS A 96 -31.64 31.66 -8.20
N THR A 97 -30.47 31.58 -7.57
CA THR A 97 -29.28 32.33 -8.00
C THR A 97 -28.08 31.50 -7.57
N ASN A 98 -26.88 31.97 -7.86
CA ASN A 98 -25.67 31.31 -7.36
C ASN A 98 -25.19 31.74 -5.97
N GLN A 99 -25.96 32.62 -5.32
CA GLN A 99 -25.58 33.24 -4.04
C GLN A 99 -25.56 32.24 -2.87
N ASP A 100 -24.79 32.56 -1.83
CA ASP A 100 -24.65 31.67 -0.67
C ASP A 100 -25.88 31.61 0.24
N PHE A 101 -26.79 32.56 0.08
CA PHE A 101 -27.93 32.72 0.98
C PHE A 101 -29.21 32.52 0.17
N GLY A 102 -30.36 32.52 0.85
CA GLY A 102 -31.63 32.23 0.18
C GLY A 102 -31.93 30.75 0.20
N ASP A 103 -32.91 30.34 -0.60
CA ASP A 103 -33.44 28.98 -0.60
C ASP A 103 -32.41 28.07 -1.24
N ILE A 104 -31.84 27.20 -0.42
CA ILE A 104 -30.78 26.31 -0.86
C ILE A 104 -31.05 24.96 -0.23
N ASN A 105 -31.15 23.94 -1.07
CA ASN A 105 -31.41 22.58 -0.61
C ASN A 105 -30.17 21.70 -0.71
N LEU A 106 -30.08 20.73 0.20
CA LEU A 106 -29.00 19.76 0.15
C LEU A 106 -29.38 18.56 -0.71
N VAL A 107 -28.70 18.46 -1.85
CA VAL A 107 -29.01 17.44 -2.86
C VAL A 107 -27.90 16.43 -2.98
N TYR A 108 -28.20 15.31 -3.64
CA TYR A 108 -27.19 14.31 -3.87
C TYR A 108 -27.52 13.37 -5.00
N LYS A 109 -26.50 12.64 -5.45
CA LYS A 109 -26.69 11.52 -6.35
C LYS A 109 -25.87 10.34 -5.86
N ARG A 110 -26.37 9.13 -6.03
CA ARG A 110 -25.55 7.96 -5.76
C ARG A 110 -25.25 7.23 -7.06
N THR A 111 -24.17 6.42 -7.06
CA THR A 111 -23.99 5.44 -8.12
C THR A 111 -25.12 4.41 -8.01
N LYS A 112 -25.64 3.98 -9.16
CA LYS A 112 -26.78 3.06 -9.18
C LYS A 112 -26.46 1.75 -8.51
N THR A 113 -25.21 1.31 -8.64
CA THR A 113 -24.73 0.10 -8.01
C THR A 113 -23.54 0.39 -7.11
N THR A 114 -23.15 -0.60 -6.30
CA THR A 114 -22.02 -0.49 -5.38
C THR A 114 -20.70 -0.75 -6.11
N ALA A 115 -20.81 -1.18 -7.37
CA ALA A 115 -19.65 -1.67 -8.11
C ALA A 115 -19.34 -0.90 -9.39
N ASN A 116 -20.18 0.04 -9.80
CA ASN A 116 -19.92 0.69 -11.09
C ASN A 116 -18.90 1.83 -11.05
N ASN A 117 -18.56 2.30 -9.86
CA ASN A 117 -17.52 3.32 -9.67
C ASN A 117 -17.79 4.66 -10.40
N GLY A 118 -19.06 4.91 -10.72
CA GLY A 118 -19.49 6.14 -11.38
C GLY A 118 -18.71 6.44 -12.65
N ALA A 119 -18.38 5.38 -13.39
CA ALA A 119 -17.55 5.49 -14.59
C ALA A 119 -18.17 6.29 -15.75
N SER A 120 -19.50 6.29 -15.86
CA SER A 120 -20.17 6.97 -16.98
C SER A 120 -21.46 7.65 -16.49
N PRO A 121 -22.02 8.58 -17.30
CA PRO A 121 -23.26 9.20 -16.82
C PRO A 121 -24.37 8.22 -16.47
N SER A 122 -24.52 7.14 -17.23
CA SER A 122 -25.59 6.17 -17.00
C SER A 122 -25.39 5.37 -15.69
N ASP A 123 -24.20 5.47 -15.09
CA ASP A 123 -23.91 4.81 -13.80
C ASP A 123 -24.44 5.54 -12.56
N TRP A 124 -25.00 6.73 -12.77
CA TRP A 124 -25.45 7.61 -11.69
C TRP A 124 -26.96 7.72 -11.64
N GLU A 125 -27.50 7.66 -10.43
CA GLU A 125 -28.93 7.83 -10.18
C GLU A 125 -29.33 9.25 -10.50
N PRO A 126 -30.65 9.49 -10.67
CA PRO A 126 -31.14 10.86 -10.76
C PRO A 126 -30.97 11.63 -9.45
N LEU A 127 -31.05 12.96 -9.53
CA LEU A 127 -30.89 13.82 -8.37
C LEU A 127 -31.91 13.50 -7.28
N ARG A 128 -31.41 13.39 -6.04
CA ARG A 128 -32.25 13.25 -4.84
C ARG A 128 -31.98 14.36 -3.82
N GLU A 129 -32.75 14.34 -2.74
CA GLU A 129 -32.66 15.41 -1.75
C GLU A 129 -32.43 14.84 -0.37
N VAL A 130 -31.43 15.36 0.34
CA VAL A 130 -31.24 15.02 1.74
C VAL A 130 -32.24 15.83 2.58
N VAL A 131 -32.20 17.14 2.41
CA VAL A 131 -33.08 18.05 3.16
C VAL A 131 -33.30 19.31 2.34
N GLY A 132 -34.56 19.78 2.31
CA GLY A 132 -34.89 21.02 1.61
C GLY A 132 -35.98 21.84 2.28
N SER A 133 -36.23 21.55 3.56
CA SER A 133 -37.33 22.18 4.32
C SER A 133 -37.15 23.70 4.45
N GLY A 134 -38.25 24.43 4.33
CA GLY A 134 -38.22 25.88 4.39
C GLY A 134 -37.62 26.56 3.17
N ALA A 135 -37.32 27.85 3.33
CA ALA A 135 -36.75 28.67 2.27
C ALA A 135 -35.39 29.25 2.69
N GLY A 136 -34.84 28.70 3.78
CA GLY A 136 -33.52 29.11 4.27
C GLY A 136 -32.46 28.29 3.57
N THR A 137 -31.25 28.33 4.14
CA THR A 137 -30.05 27.70 3.56
C THR A 137 -29.66 26.40 4.28
N TRP A 138 -29.67 25.30 3.52
CA TRP A 138 -29.15 24.01 3.99
C TRP A 138 -27.90 23.75 3.15
N GLY A 139 -26.72 23.68 3.78
CA GLY A 139 -25.49 23.54 3.02
C GLY A 139 -24.24 23.07 3.75
N ASN A 140 -23.08 23.41 3.18
CA ASN A 140 -21.80 22.97 3.72
C ASN A 140 -21.74 21.44 3.94
N PRO A 141 -22.13 20.64 2.92
CA PRO A 141 -22.10 19.20 3.18
C PRO A 141 -20.69 18.72 3.56
N THR A 142 -20.60 18.02 4.69
CA THR A 142 -19.37 17.48 5.21
C THR A 142 -19.61 16.04 5.69
N PRO A 143 -19.57 15.07 4.75
CA PRO A 143 -19.81 13.68 5.11
C PRO A 143 -18.60 12.96 5.67
N VAL A 144 -18.87 11.91 6.43
CA VAL A 144 -17.87 10.92 6.77
C VAL A 144 -18.53 9.54 6.91
N VAL A 145 -17.85 8.52 6.42
CA VAL A 145 -18.39 7.17 6.47
C VAL A 145 -17.82 6.46 7.68
N ASP A 146 -18.69 5.96 8.54
CA ASP A 146 -18.26 5.25 9.74
C ASP A 146 -18.11 3.74 9.51
N ASP A 147 -17.53 3.03 10.48
CA ASP A 147 -17.12 1.63 10.29
C ASP A 147 -18.28 0.68 9.96
N ASP A 148 -19.47 1.00 10.48
CA ASP A 148 -20.65 0.18 10.28
C ASP A 148 -21.37 0.54 8.97
N ASN A 149 -20.78 1.46 8.20
CA ASN A 149 -21.38 2.08 7.02
C ASN A 149 -22.49 3.08 7.30
N THR A 150 -22.64 3.50 8.57
CA THR A 150 -23.42 4.70 8.80
C THR A 150 -22.70 5.85 8.09
N ILE A 151 -23.43 6.57 7.24
CA ILE A 151 -22.85 7.76 6.62
C ILE A 151 -23.42 8.96 7.38
N TYR A 152 -22.54 9.64 8.13
CA TYR A 152 -22.87 10.89 8.78
C TYR A 152 -22.71 12.05 7.80
N LEU A 153 -23.63 13.00 7.85
CA LEU A 153 -23.52 14.20 7.06
C LEU A 153 -23.72 15.43 7.94
N PHE A 154 -22.62 16.12 8.22
CA PHE A 154 -22.68 17.41 8.90
C PHE A 154 -23.04 18.50 7.92
N LEU A 155 -23.92 19.40 8.37
CA LEU A 155 -24.45 20.49 7.56
C LEU A 155 -24.49 21.80 8.35
N SER A 156 -24.42 22.92 7.63
CA SER A 156 -24.67 24.24 8.19
C SER A 156 -26.05 24.68 7.72
N TRP A 157 -26.74 25.49 8.51
CA TRP A 157 -28.04 26.03 8.16
C TRP A 157 -28.11 27.50 8.57
N ASN A 158 -28.80 28.31 7.77
CA ASN A 158 -29.22 29.64 8.21
C ASN A 158 -30.64 29.92 7.68
N GLY A 159 -31.32 30.87 8.34
CA GLY A 159 -32.71 31.19 8.05
C GLY A 159 -32.91 31.89 6.72
N ALA A 160 -34.15 31.88 6.23
CA ALA A 160 -34.50 32.45 4.91
C ALA A 160 -34.18 33.93 4.75
N THR A 161 -34.18 34.67 5.85
CA THR A 161 -34.07 36.13 5.78
C THR A 161 -32.72 36.68 6.25
N TYR A 162 -31.73 35.80 6.39
CA TYR A 162 -30.39 36.16 6.87
C TYR A 162 -29.32 35.81 5.85
N SER A 163 -28.28 36.63 5.81
CA SER A 163 -27.10 36.34 4.98
C SER A 163 -25.84 36.74 5.76
N GLN A 164 -24.70 36.16 5.37
CA GLN A 164 -23.42 36.48 6.01
C GLN A 164 -23.15 37.98 6.14
N ASN A 165 -23.39 38.71 5.06
CA ASN A 165 -23.06 40.14 5.05
C ASN A 165 -24.22 41.03 5.47
N GLY A 166 -25.44 40.52 5.27
CA GLY A 166 -26.64 41.32 5.49
C GLY A 166 -26.86 42.30 4.35
N LYS A 167 -28.09 42.81 4.28
CA LYS A 167 -28.51 43.82 3.29
C LYS A 167 -28.46 43.32 1.84
N ASP A 168 -28.51 42.00 1.66
CA ASP A 168 -28.56 41.41 0.33
C ASP A 168 -30.02 41.34 -0.12
N VAL A 169 -30.26 41.58 -1.41
CA VAL A 169 -31.64 41.52 -1.91
C VAL A 169 -31.98 40.11 -2.37
N LEU A 170 -33.07 39.56 -1.83
CA LEU A 170 -33.58 38.24 -2.22
C LEU A 170 -34.44 38.34 -3.49
N PRO A 171 -34.70 37.20 -4.17
CA PRO A 171 -35.49 37.26 -5.41
C PRO A 171 -36.81 38.04 -5.32
N ASP A 172 -37.45 38.08 -4.16
CA ASP A 172 -38.73 38.79 -4.02
C ASP A 172 -38.60 40.26 -3.60
N GLY A 173 -37.36 40.74 -3.51
CA GLY A 173 -37.09 42.13 -3.12
C GLY A 173 -36.76 42.32 -1.64
N THR A 174 -37.10 41.34 -0.81
CA THR A 174 -36.80 41.33 0.63
C THR A 174 -35.31 41.57 0.85
N VAL A 175 -34.96 42.43 1.80
CA VAL A 175 -33.57 42.68 2.14
C VAL A 175 -33.19 41.81 3.36
N THR A 176 -32.05 41.11 3.27
CA THR A 176 -31.63 40.21 4.35
C THR A 176 -31.15 40.96 5.60
N LYS A 177 -31.29 40.32 6.75
CA LYS A 177 -30.63 40.76 7.97
C LYS A 177 -29.26 40.09 8.03
N LYS A 178 -28.31 40.73 8.70
CA LYS A 178 -26.99 40.14 8.85
C LYS A 178 -27.03 38.98 9.84
N ILE A 179 -26.39 37.87 9.49
CA ILE A 179 -26.28 36.73 10.41
C ILE A 179 -25.68 37.25 11.72
N ASP A 180 -26.31 36.88 12.83
CA ASP A 180 -25.94 37.43 14.14
C ASP A 180 -25.92 36.31 15.19
N SER A 181 -25.74 36.68 16.45
CA SER A 181 -25.60 35.69 17.53
C SER A 181 -26.94 35.18 18.08
N THR A 182 -28.07 35.66 17.57
CA THR A 182 -29.37 35.19 18.07
C THR A 182 -29.68 33.78 17.57
N TRP A 183 -30.57 33.08 18.28
CA TRP A 183 -30.96 31.74 17.85
C TRP A 183 -31.48 31.72 16.42
N GLU A 184 -32.38 32.66 16.09
CA GLU A 184 -32.99 32.74 14.76
C GLU A 184 -31.99 33.16 13.68
N GLY A 185 -31.01 33.98 14.07
CA GLY A 185 -30.12 34.64 13.11
C GLY A 185 -28.71 34.08 12.99
N ARG A 186 -28.38 33.07 13.78
CA ARG A 186 -27.03 32.49 13.74
C ARG A 186 -26.95 31.33 12.77
N ARG A 187 -25.72 30.95 12.41
CA ARG A 187 -25.52 29.73 11.67
C ARG A 187 -25.60 28.54 12.61
N HIS A 188 -26.44 27.58 12.25
CA HIS A 188 -26.63 26.33 12.99
C HIS A 188 -25.80 25.21 12.40
N LEU A 189 -25.53 24.20 13.22
CA LEU A 189 -24.82 23.02 12.80
C LEU A 189 -25.80 21.86 12.95
N TYR A 190 -26.06 21.18 11.84
CA TYR A 190 -27.00 20.06 11.83
C TYR A 190 -26.31 18.73 11.50
N LEU A 191 -26.90 17.63 11.96
CA LEU A 191 -26.39 16.30 11.61
C LEU A 191 -27.53 15.39 11.13
N THR A 192 -27.33 14.78 9.97
CA THR A 192 -28.22 13.73 9.49
C THR A 192 -27.36 12.52 9.19
N GLU A 193 -27.99 11.35 9.05
CA GLU A 193 -27.25 10.14 8.71
C GLU A 193 -28.09 9.16 7.89
N SER A 194 -27.41 8.30 7.15
CA SER A 194 -28.07 7.21 6.43
C SER A 194 -27.61 5.87 6.95
N ARG A 195 -28.56 4.95 7.14
CA ARG A 195 -28.24 3.59 7.58
C ARG A 195 -28.35 2.57 6.43
N ASP A 196 -28.71 3.06 5.24
CA ASP A 196 -29.01 2.21 4.09
C ASP A 196 -28.22 2.63 2.84
N ASP A 197 -26.94 2.96 3.04
CA ASP A 197 -26.01 3.22 1.94
C ASP A 197 -26.44 4.46 1.16
N GLY A 198 -26.98 5.45 1.87
CA GLY A 198 -27.35 6.73 1.25
C GLY A 198 -28.72 6.75 0.61
N ASN A 199 -29.45 5.64 0.70
CA ASN A 199 -30.79 5.57 0.08
C ASN A 199 -31.77 6.56 0.73
N THR A 200 -31.77 6.59 2.07
CA THR A 200 -32.61 7.53 2.82
C THR A 200 -31.79 8.18 3.93
N TRP A 201 -32.28 9.35 4.36
CA TRP A 201 -31.61 10.19 5.34
C TRP A 201 -32.59 10.59 6.45
N SER A 202 -32.08 10.67 7.69
CA SER A 202 -32.88 11.18 8.81
C SER A 202 -33.14 12.68 8.70
N LYS A 203 -34.27 13.13 9.22
CA LYS A 203 -34.49 14.57 9.40
C LYS A 203 -33.31 15.13 10.23
N PRO A 204 -32.61 16.15 9.72
CA PRO A 204 -31.40 16.61 10.44
C PRO A 204 -31.68 17.08 11.86
N VAL A 205 -30.78 16.72 12.77
CA VAL A 205 -30.87 17.06 14.17
C VAL A 205 -29.96 18.25 14.44
N ASP A 206 -30.47 19.25 15.15
CA ASP A 206 -29.72 20.46 15.42
C ASP A 206 -28.74 20.21 16.56
N LEU A 207 -27.44 20.29 16.26
CA LEU A 207 -26.40 20.09 17.27
C LEU A 207 -25.66 21.38 17.63
N THR A 208 -26.24 22.52 17.30
CA THR A 208 -25.58 23.83 17.48
C THR A 208 -25.13 24.04 18.92
N LYS A 209 -26.04 23.83 19.86
CA LYS A 209 -25.73 24.09 21.26
C LYS A 209 -24.65 23.19 21.82
N GLU A 210 -24.53 21.98 21.27
CA GLU A 210 -23.56 20.99 21.71
C GLU A 210 -22.18 21.18 21.05
N LEU A 211 -22.18 21.57 19.78
CA LEU A 211 -20.96 21.51 18.97
C LEU A 211 -20.51 22.83 18.33
N THR A 212 -21.24 23.90 18.59
CA THR A 212 -20.82 25.26 18.20
C THR A 212 -20.68 26.13 19.46
N PRO A 213 -19.54 26.81 19.61
CA PRO A 213 -19.37 27.60 20.83
C PRO A 213 -20.45 28.67 20.96
N ASP A 214 -20.87 28.93 22.20
CA ASP A 214 -21.90 29.93 22.49
C ASP A 214 -21.50 31.34 22.05
N GLY A 215 -22.49 32.12 21.64
CA GLY A 215 -22.24 33.49 21.18
C GLY A 215 -21.76 33.64 19.75
N TRP A 216 -21.52 32.53 19.07
CA TRP A 216 -21.12 32.59 17.66
C TRP A 216 -22.28 33.02 16.75
N ALA A 217 -21.92 33.64 15.64
CA ALA A 217 -22.88 34.08 14.64
C ALA A 217 -22.63 33.25 13.40
N TRP A 218 -21.78 33.74 12.51
CA TRP A 218 -21.36 32.95 11.37
C TRP A 218 -20.71 31.64 11.84
N ASP A 219 -20.91 30.58 11.06
CA ASP A 219 -20.25 29.30 11.29
C ASP A 219 -20.17 28.57 9.96
N ALA A 220 -19.27 27.60 9.91
CA ALA A 220 -19.18 26.70 8.76
C ALA A 220 -18.67 25.35 9.26
N VAL A 221 -19.18 24.28 8.66
CA VAL A 221 -18.56 22.96 8.77
C VAL A 221 -18.01 22.60 7.39
N GLY A 222 -16.80 22.04 7.36
CA GLY A 222 -16.16 21.74 6.09
C GLY A 222 -16.10 23.02 5.24
N PRO A 223 -16.56 22.95 3.98
CA PRO A 223 -17.23 21.79 3.38
C PRO A 223 -16.27 20.84 2.69
N GLY A 224 -16.71 19.60 2.49
CA GLY A 224 -15.89 18.59 1.83
C GLY A 224 -16.08 17.22 2.46
N ASN A 225 -15.30 16.92 3.49
CA ASN A 225 -15.39 15.60 4.14
C ASN A 225 -14.75 15.56 5.52
N GLY A 226 -15.20 14.61 6.33
CA GLY A 226 -14.49 14.24 7.55
C GLY A 226 -13.71 12.97 7.27
N ILE A 227 -12.97 12.50 8.28
CA ILE A 227 -12.15 11.31 8.14
C ILE A 227 -12.32 10.38 9.32
N ARG A 228 -11.91 9.13 9.14
CA ARG A 228 -11.84 8.13 10.20
C ARG A 228 -10.37 7.76 10.37
N LEU A 229 -9.86 7.92 11.60
CA LEU A 229 -8.44 7.72 11.89
C LEU A 229 -8.08 6.27 12.04
N THR A 230 -6.80 5.95 11.84
CA THR A 230 -6.34 4.59 12.01
C THR A 230 -6.72 4.12 13.40
N THR A 231 -6.77 5.05 14.35
CA THR A 231 -6.98 4.72 15.75
C THR A 231 -8.47 4.62 16.09
N GLY A 232 -9.32 4.90 15.11
CA GLY A 232 -10.73 4.57 15.23
C GLY A 232 -11.70 5.73 15.35
N GLU A 233 -11.20 6.90 15.75
CA GLU A 233 -12.01 8.12 15.92
C GLU A 233 -12.42 8.78 14.60
N LEU A 234 -13.45 9.63 14.65
CA LEU A 234 -13.83 10.43 13.49
C LEU A 234 -13.38 11.87 13.71
N VAL A 235 -12.94 12.53 12.63
CA VAL A 235 -12.58 13.95 12.72
C VAL A 235 -13.23 14.75 11.59
N ILE A 236 -13.99 15.75 11.97
CA ILE A 236 -14.75 16.56 11.02
C ILE A 236 -14.24 18.00 11.12
N PRO A 237 -13.70 18.54 10.01
CA PRO A 237 -13.17 19.90 10.10
C PRO A 237 -14.28 20.94 10.11
N ALA A 238 -14.14 21.96 10.95
CA ALA A 238 -15.11 23.04 11.00
C ALA A 238 -14.40 24.37 11.23
N MET A 239 -15.17 25.46 11.19
CA MET A 239 -14.62 26.79 11.48
C MET A 239 -14.04 26.82 12.90
N GLY A 240 -12.74 27.10 13.01
CA GLY A 240 -12.09 27.34 14.29
C GLY A 240 -11.94 26.15 15.21
N ARG A 241 -12.20 24.95 14.68
CA ARG A 241 -12.33 23.78 15.53
C ARG A 241 -12.43 22.47 14.75
N ASN A 242 -12.10 21.35 15.40
CA ASN A 242 -12.46 20.05 14.85
C ASN A 242 -13.59 19.48 15.67
N ILE A 243 -14.46 18.72 15.01
CA ILE A 243 -15.46 17.93 15.71
C ILE A 243 -14.94 16.52 15.74
N ILE A 244 -14.91 15.96 16.94
CA ILE A 244 -14.35 14.63 17.17
C ILE A 244 -15.47 13.65 17.53
N GLY A 245 -15.48 12.51 16.85
CA GLY A 245 -16.41 11.43 17.13
C GLY A 245 -15.70 10.23 17.75
N ARG A 246 -16.18 9.80 18.92
CA ARG A 246 -15.58 8.65 19.62
C ARG A 246 -16.63 7.62 19.96
N GLY A 247 -16.16 6.39 20.18
CA GLY A 247 -17.07 5.31 20.57
C GLY A 247 -17.61 4.49 19.41
N ALA A 248 -18.78 3.91 19.62
CA ALA A 248 -19.31 2.87 18.72
C ALA A 248 -19.65 3.44 17.35
N PRO A 249 -19.21 2.77 16.26
CA PRO A 249 -19.51 3.24 14.90
C PRO A 249 -21.00 3.50 14.64
N GLY A 250 -21.32 4.68 14.13
CA GLY A 250 -22.72 5.00 13.84
C GLY A 250 -23.53 5.31 15.10
N ASN A 251 -22.84 5.40 16.23
CA ASN A 251 -23.42 5.72 17.54
C ASN A 251 -22.40 6.53 18.34
N ARG A 252 -21.83 7.55 17.69
CA ARG A 252 -20.67 8.25 18.24
C ARG A 252 -21.04 9.29 19.28
N THR A 253 -20.12 9.48 20.23
CA THR A 253 -20.12 10.65 21.11
C THR A 253 -19.26 11.72 20.48
N TRP A 254 -19.82 12.93 20.37
CA TRP A 254 -19.21 14.07 19.70
C TRP A 254 -18.63 15.05 20.71
N SER A 255 -17.54 15.71 20.34
CA SER A 255 -16.93 16.72 21.19
C SER A 255 -16.20 17.72 20.31
N VAL A 256 -15.82 18.85 20.88
CA VAL A 256 -15.19 19.93 20.12
C VAL A 256 -13.72 20.04 20.53
N GLN A 257 -12.87 20.09 19.52
CA GLN A 257 -11.46 20.42 19.68
C GLN A 257 -11.25 21.83 19.16
N ARG A 258 -11.10 22.77 20.08
CA ARG A 258 -10.87 24.17 19.70
C ARG A 258 -9.47 24.34 19.13
N LEU A 259 -9.35 25.17 18.08
CA LEU A 259 -8.07 25.40 17.43
C LEU A 259 -7.77 26.88 17.38
N SER A 260 -6.49 27.22 17.51
CA SER A 260 -6.03 28.60 17.44
C SER A 260 -5.52 28.92 16.04
N GLY A 261 -6.13 29.93 15.41
CA GLY A 261 -5.72 30.39 14.10
C GLY A 261 -6.22 29.59 12.91
N ALA A 262 -7.20 28.70 13.13
CA ALA A 262 -7.79 27.95 12.02
C ALA A 262 -8.68 28.85 11.13
N GLY A 263 -8.97 28.37 9.92
CA GLY A 263 -9.85 29.09 9.01
C GLY A 263 -11.31 28.76 9.25
N ALA A 264 -12.18 29.39 8.47
CA ALA A 264 -13.61 29.05 8.44
C ALA A 264 -13.85 27.76 7.66
N GLU A 265 -13.15 27.59 6.52
CA GLU A 265 -13.32 26.39 5.68
C GLU A 265 -12.06 25.55 5.71
N GLY A 266 -12.12 24.49 6.52
CA GLY A 266 -10.95 23.65 6.78
C GLY A 266 -11.02 22.30 6.11
N THR A 267 -9.86 21.69 5.92
CA THR A 267 -9.78 20.29 5.51
C THR A 267 -8.93 19.54 6.53
N ILE A 268 -9.12 18.23 6.58
CA ILE A 268 -8.42 17.39 7.53
C ILE A 268 -7.97 16.12 6.86
N VAL A 269 -6.76 15.67 7.22
CA VAL A 269 -6.30 14.37 6.78
C VAL A 269 -5.36 13.84 7.83
N GLN A 270 -5.29 12.52 7.93
CA GLN A 270 -4.26 11.85 8.71
C GLN A 270 -3.09 11.57 7.77
N THR A 271 -1.93 12.14 8.07
CA THR A 271 -0.76 11.97 7.23
C THR A 271 -0.13 10.58 7.52
N PRO A 272 0.81 10.13 6.67
CA PRO A 272 1.33 8.76 6.81
C PRO A 272 1.97 8.48 8.18
N ASP A 273 2.52 9.52 8.82
CA ASP A 273 3.06 9.38 10.18
C ASP A 273 1.99 9.17 11.27
N GLY A 274 0.72 9.23 10.89
CA GLY A 274 -0.39 9.04 11.82
C GLY A 274 -0.86 10.31 12.50
N LYS A 275 -0.18 11.42 12.26
CA LYS A 275 -0.57 12.71 12.81
C LYS A 275 -1.73 13.30 12.01
N LEU A 276 -2.34 14.32 12.58
CA LEU A 276 -3.40 15.09 11.90
C LEU A 276 -2.85 16.32 11.19
N TYR A 277 -3.57 16.78 10.18
CA TYR A 277 -3.10 17.82 9.28
C TYR A 277 -4.32 18.62 8.89
N ARG A 278 -4.37 19.89 9.32
CA ARG A 278 -5.39 20.82 8.88
C ARG A 278 -4.78 21.62 7.73
N ASN A 279 -5.52 21.69 6.62
CA ASN A 279 -5.12 22.51 5.47
C ASN A 279 -6.33 23.35 5.10
N ASP A 280 -6.29 24.62 5.49
CA ASP A 280 -7.47 25.47 5.48
C ASP A 280 -7.42 26.56 4.44
N ARG A 281 -8.61 27.01 4.02
CA ARG A 281 -8.73 28.18 3.14
CA ARG A 281 -8.73 28.18 3.15
C ARG A 281 -8.19 29.40 3.89
N PRO A 282 -7.34 30.20 3.24
CA PRO A 282 -6.90 31.44 3.94
C PRO A 282 -8.01 32.50 3.95
N SER A 283 -7.98 33.44 4.90
CA SER A 283 -8.99 34.50 4.94
C SER A 283 -8.81 35.51 3.80
N GLN A 284 -7.55 35.67 3.36
CA GLN A 284 -7.22 36.49 2.20
C GLN A 284 -6.41 35.68 1.22
N LYS A 285 -6.55 36.04 -0.06
CA LYS A 285 -5.86 35.37 -1.14
C LYS A 285 -4.38 35.25 -0.83
N GLY A 286 -3.81 34.08 -1.10
CA GLY A 286 -2.39 33.87 -0.88
C GLY A 286 -1.97 32.42 -0.98
N TYR A 287 -2.08 31.73 0.14
CA TYR A 287 -1.54 30.39 0.32
C TYR A 287 -2.43 29.62 1.27
N ARG A 288 -2.50 28.30 1.08
CA ARG A 288 -3.21 27.46 2.05
C ARG A 288 -2.56 27.60 3.43
N MET A 289 -3.38 27.53 4.48
CA MET A 289 -2.92 27.65 5.85
C MET A 289 -2.91 26.25 6.48
N VAL A 290 -1.73 25.78 6.88
CA VAL A 290 -1.54 24.39 7.34
C VAL A 290 -1.13 24.35 8.83
N ALA A 291 -1.71 23.42 9.57
CA ALA A 291 -1.28 23.12 10.95
C ALA A 291 -1.26 21.62 11.17
N ARG A 292 -0.35 21.14 12.03
CA ARG A 292 -0.25 19.70 12.30
C ARG A 292 -0.42 19.45 13.79
N GLY A 293 -0.99 18.30 14.12
CA GLY A 293 -1.18 17.91 15.51
C GLY A 293 -1.79 16.55 15.72
N THR A 294 -2.42 16.39 16.88
CA THR A 294 -3.11 15.17 17.26
C THR A 294 -4.41 15.51 17.96
N LEU A 295 -5.10 14.48 18.46
CA LEU A 295 -6.32 14.66 19.22
C LEU A 295 -6.07 15.40 20.54
N GLU A 296 -4.79 15.52 20.91
CA GLU A 296 -4.41 16.28 22.11
C GLU A 296 -4.11 17.74 21.83
N GLY A 297 -4.04 18.12 20.55
CA GLY A 297 -3.80 19.52 20.19
C GLY A 297 -2.98 19.73 18.94
N PHE A 298 -3.01 20.96 18.44
CA PHE A 298 -2.32 21.33 17.22
C PHE A 298 -1.26 22.41 17.45
N GLY A 299 -0.23 22.41 16.60
CA GLY A 299 0.69 23.55 16.50
C GLY A 299 0.05 24.72 15.78
N ALA A 300 0.81 25.78 15.59
CA ALA A 300 0.35 26.97 14.89
C ALA A 300 0.07 26.70 13.40
N PHE A 301 -0.89 27.46 12.86
CA PHE A 301 -1.11 27.53 11.42
C PHE A 301 -0.11 28.44 10.77
N ALA A 302 0.38 28.05 9.61
CA ALA A 302 1.35 28.84 8.86
C ALA A 302 1.07 28.64 7.37
N PRO A 303 1.28 29.68 6.55
CA PRO A 303 1.03 29.45 5.12
C PRO A 303 2.00 28.42 4.50
N ASP A 304 1.48 27.60 3.60
CA ASP A 304 2.33 26.69 2.82
C ASP A 304 2.71 27.39 1.51
N ALA A 305 3.97 27.83 1.41
CA ALA A 305 4.43 28.58 0.23
C ALA A 305 4.31 27.77 -1.06
N GLY A 306 4.31 26.45 -0.93
CA GLY A 306 4.15 25.54 -2.07
C GLY A 306 2.73 25.38 -2.60
N LEU A 307 1.76 25.92 -1.87
CA LEU A 307 0.35 25.75 -2.25
C LEU A 307 -0.40 27.09 -2.34
N PRO A 308 -0.20 27.84 -3.45
CA PRO A 308 -0.97 29.08 -3.59
C PRO A 308 -2.46 28.75 -3.66
N ASP A 309 -3.29 29.73 -3.31
CA ASP A 309 -4.74 29.56 -3.19
C ASP A 309 -5.38 30.94 -3.24
N PRO A 310 -6.51 31.08 -3.98
CA PRO A 310 -7.12 32.38 -4.20
C PRO A 310 -8.19 32.71 -3.15
N ALA A 311 -8.03 32.19 -1.94
CA ALA A 311 -9.05 32.19 -0.89
C ALA A 311 -10.29 31.41 -1.36
N CYS A 312 -10.10 30.12 -1.55
CA CYS A 312 -11.17 29.24 -1.96
C CYS A 312 -11.01 27.91 -1.19
N GLN A 313 -12.11 27.20 -0.99
CA GLN A 313 -12.07 25.83 -0.47
C GLN A 313 -11.16 24.92 -1.32
N GLY A 314 -10.60 23.90 -0.67
CA GLY A 314 -9.78 22.87 -1.32
C GLY A 314 -10.17 21.52 -0.75
N SER A 315 -9.53 20.46 -1.24
CA SER A 315 -9.78 19.11 -0.75
C SER A 315 -8.46 18.35 -0.58
N VAL A 316 -8.49 17.36 0.30
CA VAL A 316 -7.32 16.54 0.62
C VAL A 316 -7.81 15.07 0.80
N LEU A 317 -6.97 14.11 0.41
CA LEU A 317 -7.34 12.70 0.46
C LEU A 317 -6.16 11.86 0.90
N ARG A 318 -6.38 11.02 1.90
CA ARG A 318 -5.41 10.00 2.29
C ARG A 318 -5.53 8.85 1.28
N TYR A 319 -4.47 8.62 0.52
CA TYR A 319 -4.56 7.58 -0.52
C TYR A 319 -4.17 6.17 -0.06
N ASN A 320 -3.05 6.07 0.64
CA ASN A 320 -2.48 4.77 1.06
C ASN A 320 -1.31 5.02 2.00
N SER A 321 -1.05 4.05 2.88
CA SER A 321 0.05 4.18 3.85
C SER A 321 1.26 3.26 3.61
N ASP A 322 1.10 2.23 2.79
CA ASP A 322 2.21 1.34 2.46
C ASP A 322 3.12 2.03 1.43
N ALA A 323 4.41 1.70 1.42
CA ALA A 323 5.36 2.31 0.48
C ALA A 323 4.86 2.20 -0.97
N PRO A 324 4.87 3.33 -1.72
CA PRO A 324 5.17 4.66 -1.21
C PRO A 324 3.87 5.33 -0.76
N ALA A 325 3.81 5.77 0.50
CA ALA A 325 2.58 6.33 1.06
C ALA A 325 2.28 7.65 0.38
N ARG A 326 1.00 7.91 0.12
CA ARG A 326 0.62 9.12 -0.63
C ARG A 326 -0.54 9.89 -0.01
N THR A 327 -0.42 11.22 -0.04
CA THR A 327 -1.51 12.15 0.27
C THR A 327 -1.78 12.93 -1.02
N ILE A 328 -3.06 13.13 -1.31
CA ILE A 328 -3.47 13.84 -2.50
C ILE A 328 -4.09 15.16 -2.09
N PHE A 329 -3.80 16.22 -2.83
CA PHE A 329 -4.36 17.55 -2.56
C PHE A 329 -4.88 18.16 -3.83
N LEU A 330 -6.00 18.88 -3.72
CA LEU A 330 -6.62 19.53 -4.86
C LEU A 330 -7.13 20.92 -4.50
N ASN A 331 -6.68 21.91 -5.25
CA ASN A 331 -7.20 23.28 -5.15
C ASN A 331 -6.97 24.04 -6.45
N SER A 332 -7.28 25.32 -6.44
CA SER A 332 -6.83 26.19 -7.52
C SER A 332 -5.43 26.73 -7.19
N ALA A 333 -4.45 26.30 -7.97
CA ALA A 333 -3.04 26.64 -7.72
C ALA A 333 -2.73 28.05 -8.22
N SER A 334 -3.36 29.03 -7.58
CA SER A 334 -3.27 30.41 -8.02
C SER A 334 -3.58 31.31 -6.86
N GLY A 335 -2.87 32.44 -6.78
CA GLY A 335 -3.20 33.46 -5.80
C GLY A 335 -4.35 34.36 -6.20
N THR A 336 -4.82 34.28 -7.45
CA THR A 336 -5.85 35.21 -7.94
C THR A 336 -7.12 34.59 -8.51
N SER A 337 -6.96 33.44 -9.17
CA SER A 337 -8.04 32.82 -9.91
C SER A 337 -8.45 31.46 -9.34
N ARG A 338 -9.74 31.16 -9.44
CA ARG A 338 -10.25 29.82 -9.13
C ARG A 338 -10.15 28.84 -10.30
N ARG A 339 -9.65 29.29 -11.45
CA ARG A 339 -9.61 28.47 -12.68
C ARG A 339 -8.25 27.84 -12.92
N ALA A 340 -7.54 27.54 -11.84
CA ALA A 340 -6.20 26.95 -11.93
C ALA A 340 -6.17 25.60 -11.22
N MET A 341 -7.19 24.77 -11.41
CA MET A 341 -7.30 23.51 -10.67
C MET A 341 -6.09 22.61 -10.90
N ARG A 342 -5.54 22.06 -9.81
CA ARG A 342 -4.32 21.30 -9.84
C ARG A 342 -4.42 20.17 -8.81
N VAL A 343 -4.32 18.91 -9.26
CA VAL A 343 -4.24 17.80 -8.31
C VAL A 343 -2.77 17.42 -8.09
N ARG A 344 -2.41 17.17 -6.84
CA ARG A 344 -1.00 16.95 -6.44
C ARG A 344 -0.85 15.75 -5.53
N ILE A 345 0.36 15.21 -5.46
CA ILE A 345 0.73 14.11 -4.58
C ILE A 345 1.86 14.56 -3.65
N SER A 346 1.78 14.16 -2.39
CA SER A 346 2.90 14.26 -1.44
C SER A 346 3.29 12.87 -0.95
N TYR A 347 4.59 12.63 -0.89
CA TYR A 347 5.13 11.38 -0.39
C TYR A 347 5.69 11.55 1.02
N ASP A 348 5.61 12.77 1.53
CA ASP A 348 6.13 13.10 2.86
C ASP A 348 5.27 12.51 3.97
N ALA A 349 5.94 12.04 5.02
CA ALA A 349 5.27 11.39 6.14
C ALA A 349 4.35 12.37 6.85
N ASP A 350 4.66 13.66 6.69
CA ASP A 350 3.90 14.74 7.29
C ASP A 350 3.29 15.68 6.24
N ALA A 351 3.27 15.23 4.98
CA ALA A 351 2.77 16.02 3.85
C ALA A 351 3.38 17.43 3.76
N LYS A 352 4.69 17.53 4.06
CA LYS A 352 5.34 18.84 4.08
C LYS A 352 5.33 19.46 2.68
N LYS A 353 5.61 18.65 1.66
CA LYS A 353 5.71 19.13 0.30
C LYS A 353 4.93 18.26 -0.68
N PHE A 354 4.12 18.92 -1.51
CA PHE A 354 3.45 18.28 -2.63
C PHE A 354 4.18 18.58 -3.92
N ASN A 355 4.14 17.63 -4.85
CA ASN A 355 4.71 17.81 -6.19
C ASN A 355 3.91 18.84 -7.00
N TYR A 356 4.39 19.15 -8.20
CA TYR A 356 3.63 20.05 -9.07
C TYR A 356 2.25 19.47 -9.35
N GLY A 357 2.21 18.18 -9.64
CA GLY A 357 0.97 17.48 -9.93
C GLY A 357 0.52 17.70 -11.37
N ARG A 358 -0.77 17.82 -11.56
CA ARG A 358 -1.32 17.98 -12.93
C ARG A 358 -2.46 18.96 -12.93
N LYS A 359 -2.46 19.86 -13.92
CA LYS A 359 -3.59 20.74 -14.16
C LYS A 359 -4.78 19.95 -14.67
N LEU A 360 -5.97 20.21 -14.10
CA LEU A 360 -7.17 19.54 -14.55
C LEU A 360 -7.52 19.90 -15.98
N GLU A 361 -7.11 21.10 -16.41
CA GLU A 361 -7.34 21.58 -17.77
C GLU A 361 -6.64 20.69 -18.83
N ASP A 362 -5.69 19.85 -18.42
CA ASP A 362 -5.09 18.87 -19.32
C ASP A 362 -6.11 17.86 -19.83
N ALA A 363 -7.21 17.74 -19.11
CA ALA A 363 -8.34 16.92 -19.53
C ALA A 363 -9.62 17.74 -19.38
N LYS A 364 -9.71 18.85 -20.12
CA LYS A 364 -10.84 19.77 -19.93
C LYS A 364 -12.19 19.16 -20.31
N VAL A 365 -13.24 19.60 -19.62
CA VAL A 365 -14.61 19.26 -20.01
C VAL A 365 -15.12 20.39 -20.88
N SER A 366 -15.81 20.02 -21.97
CA SER A 366 -16.47 20.98 -22.82
C SER A 366 -17.97 21.02 -22.51
N GLY A 367 -18.56 22.21 -22.53
CA GLY A 367 -20.01 22.38 -22.40
C GLY A 367 -20.60 22.54 -21.01
N ALA A 368 -19.74 22.69 -20.01
CA ALA A 368 -20.15 22.88 -18.62
C ALA A 368 -19.49 24.10 -18.00
N GLY A 369 -19.15 25.10 -18.82
CA GLY A 369 -18.61 26.35 -18.32
C GLY A 369 -17.13 26.27 -17.99
N HIS A 370 -16.66 27.26 -17.25
CA HIS A 370 -15.24 27.39 -16.91
C HIS A 370 -14.96 26.66 -15.59
N GLU A 371 -14.22 25.56 -15.66
CA GLU A 371 -13.99 24.73 -14.48
C GLU A 371 -13.11 25.45 -13.47
N GLY A 372 -13.45 25.25 -12.20
CA GLY A 372 -12.64 25.78 -11.11
C GLY A 372 -13.47 26.30 -9.95
N GLY A 373 -13.03 25.96 -8.76
CA GLY A 373 -13.66 26.40 -7.51
C GLY A 373 -13.47 25.33 -6.47
N HIS A 374 -14.51 25.08 -5.68
CA HIS A 374 -14.51 24.01 -4.66
C HIS A 374 -14.32 22.64 -5.28
N SER A 375 -13.83 21.69 -4.48
CA SER A 375 -13.59 20.34 -4.95
C SER A 375 -13.71 19.37 -3.78
N SER A 376 -13.92 18.10 -4.10
CA SER A 376 -13.95 17.03 -3.09
C SER A 376 -13.49 15.77 -3.79
N MET A 377 -12.67 14.97 -3.09
CA MET A 377 -12.09 13.76 -3.66
C MET A 377 -12.39 12.52 -2.82
N THR A 378 -12.52 11.39 -3.51
CA THR A 378 -12.68 10.09 -2.90
C THR A 378 -11.77 9.11 -3.64
N LYS A 379 -11.45 7.98 -3.00
CA LYS A 379 -10.93 6.84 -3.75
C LYS A 379 -12.12 6.07 -4.31
N THR A 380 -11.92 5.41 -5.44
CA THR A 380 -12.96 4.57 -6.04
C THR A 380 -12.56 3.13 -5.84
N GLY A 381 -13.49 2.22 -6.12
CA GLY A 381 -13.24 0.79 -6.00
C GLY A 381 -12.36 0.20 -7.08
N ASP A 382 -12.22 0.90 -8.20
CA ASP A 382 -11.35 0.45 -9.28
C ASP A 382 -10.03 1.23 -9.38
N TYR A 383 -9.48 1.57 -8.21
CA TYR A 383 -8.14 2.18 -8.10
C TYR A 383 -7.98 3.46 -8.90
N LYS A 384 -9.01 4.30 -8.81
CA LYS A 384 -8.93 5.66 -9.34
C LYS A 384 -9.21 6.64 -8.22
N ILE A 385 -8.97 7.92 -8.51
CA ILE A 385 -9.43 9.03 -7.70
C ILE A 385 -10.66 9.62 -8.39
N GLY A 386 -11.73 9.83 -7.63
CA GLY A 386 -12.92 10.51 -8.13
C GLY A 386 -12.97 11.90 -7.53
N ALA A 387 -13.18 12.92 -8.36
CA ALA A 387 -13.22 14.28 -7.86
C ALA A 387 -14.39 15.07 -8.43
N LEU A 388 -15.09 15.77 -7.54
CA LEU A 388 -16.11 16.74 -7.90
C LEU A 388 -15.46 18.11 -7.92
N VAL A 389 -15.72 18.89 -8.97
CA VAL A 389 -15.14 20.22 -9.15
C VAL A 389 -16.20 21.20 -9.66
N GLU A 390 -16.29 22.36 -9.01
CA GLU A 390 -17.21 23.39 -9.47
C GLU A 390 -16.82 23.91 -10.85
N SER A 391 -17.81 24.42 -11.57
CA SER A 391 -17.59 25.09 -12.84
C SER A 391 -18.57 26.25 -12.92
N ASP A 392 -18.19 27.28 -13.68
CA ASP A 392 -18.94 28.53 -13.72
C ASP A 392 -19.09 28.98 -15.17
N PHE A 393 -20.33 29.05 -15.63
CA PHE A 393 -20.61 29.52 -16.98
C PHE A 393 -20.23 30.99 -17.20
N PHE A 394 -20.29 31.78 -16.12
CA PHE A 394 -19.83 33.18 -16.16
C PHE A 394 -20.66 34.04 -17.13
N ASN A 395 -21.87 33.58 -17.46
CA ASN A 395 -22.80 34.33 -18.31
C ASN A 395 -23.21 35.71 -17.74
N ASP A 396 -23.13 35.84 -16.42
CA ASP A 396 -23.45 37.10 -15.72
C ASP A 396 -22.19 37.64 -15.01
N GLY A 397 -21.03 37.22 -15.50
CA GLY A 397 -19.76 37.57 -14.90
C GLY A 397 -19.75 37.14 -13.45
N THR A 398 -19.32 38.04 -12.58
CA THR A 398 -19.28 37.77 -11.13
C THR A 398 -20.68 37.81 -10.51
N GLY A 399 -21.70 38.04 -11.34
CA GLY A 399 -23.06 38.29 -10.86
C GLY A 399 -23.87 37.06 -10.45
N LYS A 400 -24.96 37.32 -9.72
CA LYS A 400 -25.81 36.27 -9.14
C LYS A 400 -26.45 35.34 -10.18
N ASN A 401 -26.50 35.77 -11.44
CA ASN A 401 -27.16 34.94 -12.45
C ASN A 401 -26.23 33.98 -13.22
N SER A 402 -24.95 33.96 -12.85
CA SER A 402 -23.99 33.08 -13.49
C SER A 402 -24.22 31.63 -13.07
N TYR A 403 -24.66 30.80 -14.01
CA TYR A 403 -24.98 29.41 -13.74
C TYR A 403 -23.75 28.66 -13.26
N ARG A 404 -23.91 27.84 -12.23
CA ARG A 404 -22.81 27.02 -11.72
C ARG A 404 -23.15 25.54 -11.83
N ALA A 405 -22.20 24.78 -12.36
CA ALA A 405 -22.34 23.33 -12.56
C ALA A 405 -21.27 22.59 -11.77
N ILE A 406 -21.44 21.27 -11.61
CA ILE A 406 -20.41 20.48 -10.93
C ILE A 406 -19.95 19.29 -11.79
N ILE A 407 -18.65 19.23 -12.02
CA ILE A 407 -18.02 18.20 -12.85
C ILE A 407 -17.61 17.02 -12.00
N TRP A 408 -17.71 15.82 -12.57
CA TRP A 408 -17.21 14.59 -11.95
C TRP A 408 -16.04 14.06 -12.77
N ARG A 409 -14.93 13.80 -12.10
CA ARG A 409 -13.70 13.42 -12.76
C ARG A 409 -13.22 12.15 -12.14
N ARG A 410 -12.68 11.29 -12.97
CA ARG A 410 -11.98 10.11 -12.52
C ARG A 410 -10.62 10.15 -13.20
N PHE A 411 -9.57 9.91 -12.44
CA PHE A 411 -8.22 9.80 -12.99
C PHE A 411 -7.45 8.90 -12.05
N ASN A 412 -6.44 8.20 -12.57
CA ASN A 412 -5.56 7.42 -11.68
C ASN A 412 -4.29 8.19 -11.36
N LEU A 413 -3.45 7.58 -10.51
CA LEU A 413 -2.19 8.19 -10.10
C LEU A 413 -1.26 8.38 -11.30
N SER A 414 -1.24 7.37 -12.18
CA SER A 414 -0.45 7.43 -13.40
C SER A 414 -0.75 8.70 -14.17
N TRP A 415 -2.04 9.01 -14.30
CA TRP A 415 -2.47 10.22 -15.00
C TRP A 415 -1.81 11.44 -14.34
N ILE A 416 -1.87 11.53 -13.02
CA ILE A 416 -1.25 12.67 -12.33
C ILE A 416 0.24 12.73 -12.64
N LEU A 417 0.91 11.59 -12.46
CA LEU A 417 2.37 11.50 -12.52
C LEU A 417 2.95 11.72 -13.92
N ASN A 418 2.13 11.47 -14.94
CA ASN A 418 2.54 11.67 -16.33
C ASN A 418 2.21 13.07 -16.88
N GLY A 419 1.83 13.98 -15.99
CA GLY A 419 1.60 15.38 -16.35
C GLY A 419 2.88 16.03 -16.87
N PRO A 420 2.76 16.95 -17.85
CA PRO A 420 3.91 17.49 -18.56
C PRO A 420 4.71 18.53 -17.78
N ASN A 421 4.17 18.94 -16.63
CA ASN A 421 4.74 20.04 -15.86
C ASN A 421 5.44 19.57 -14.58
N ASN A 422 5.50 18.24 -14.38
CA ASN A 422 6.25 17.65 -13.26
C ASN A 422 7.76 17.70 -13.49
CA ASP B 39 -5.48 -5.55 -10.39
C ASP B 39 -4.90 -4.36 -11.15
N PRO B 40 -4.70 -3.21 -10.46
CA PRO B 40 -4.24 -1.98 -11.12
C PRO B 40 -2.87 -2.13 -11.78
N ALA B 41 -2.04 -3.03 -11.25
CA ALA B 41 -0.70 -3.26 -11.78
C ALA B 41 -0.70 -3.90 -13.17
N LYS B 42 -1.81 -4.54 -13.54
CA LYS B 42 -1.92 -5.23 -14.82
C LYS B 42 -1.71 -4.36 -16.05
N SER B 43 -2.09 -3.08 -15.96
CA SER B 43 -2.04 -2.19 -17.14
C SER B 43 -0.64 -1.69 -17.52
N ALA B 44 0.33 -1.89 -16.64
CA ALA B 44 1.73 -1.58 -16.94
C ALA B 44 2.23 -2.52 -18.04
N ALA B 45 3.18 -2.03 -18.84
CA ALA B 45 3.85 -2.89 -19.81
C ALA B 45 4.56 -4.00 -19.05
N PRO B 46 4.37 -5.26 -19.49
CA PRO B 46 5.10 -6.37 -18.87
C PRO B 46 6.60 -6.10 -18.90
N TYR B 47 7.26 -6.39 -17.78
CA TYR B 47 8.70 -6.19 -17.64
C TYR B 47 9.32 -7.50 -17.17
N HIS B 48 10.43 -7.89 -17.78
CA HIS B 48 11.22 -9.03 -17.28
C HIS B 48 12.69 -8.99 -17.72
N ASP B 49 13.61 -9.20 -16.77
CA ASP B 49 15.04 -9.44 -17.03
C ASP B 49 15.35 -10.82 -16.51
N GLU B 50 16.28 -11.53 -17.14
CA GLU B 50 16.76 -12.80 -16.56
C GLU B 50 18.15 -13.16 -17.05
N PHE B 51 19.01 -13.59 -16.12
CA PHE B 51 20.37 -13.98 -16.47
C PHE B 51 20.99 -14.80 -15.36
N PRO B 52 22.02 -15.62 -15.70
CA PRO B 52 22.73 -16.32 -14.63
C PRO B 52 23.43 -15.35 -13.69
N LEU B 53 23.32 -15.60 -12.38
CA LEU B 53 23.99 -14.76 -11.39
C LEU B 53 25.12 -15.51 -10.66
N PHE B 54 24.94 -16.82 -10.52
CA PHE B 54 25.98 -17.67 -9.95
C PHE B 54 26.30 -18.75 -10.97
N ARG B 55 27.43 -18.57 -11.64
CA ARG B 55 27.82 -19.37 -12.80
C ARG B 55 28.75 -20.49 -12.38
N SER B 56 28.26 -21.71 -12.57
CA SER B 56 28.96 -22.93 -12.18
C SER B 56 30.22 -23.15 -13.03
N ALA B 57 31.11 -24.01 -12.54
CA ALA B 57 32.46 -24.22 -13.08
C ALA B 57 32.55 -24.56 -14.57
N ASN B 58 31.49 -25.18 -15.09
CA ASN B 58 31.41 -25.60 -16.50
C ASN B 58 31.10 -24.45 -17.45
N MET B 59 30.66 -23.32 -16.90
CA MET B 59 30.19 -22.19 -17.69
C MET B 59 31.36 -21.29 -18.07
N ALA B 60 31.24 -20.61 -19.20
CA ALA B 60 32.17 -19.53 -19.52
C ALA B 60 32.10 -18.46 -18.43
N SER B 61 33.23 -17.82 -18.14
CA SER B 61 33.35 -16.88 -17.03
C SER B 61 32.69 -17.42 -15.75
N PRO B 62 33.17 -18.58 -15.26
CA PRO B 62 32.60 -19.14 -14.05
C PRO B 62 32.87 -18.23 -12.86
N ASP B 63 31.94 -18.19 -11.91
CA ASP B 63 32.13 -17.38 -10.72
C ASP B 63 33.18 -17.97 -9.79
N LYS B 64 34.18 -17.17 -9.49
CA LYS B 64 35.23 -17.50 -8.54
C LYS B 64 35.37 -16.38 -7.54
N LEU B 65 35.93 -16.69 -6.38
CA LEU B 65 36.32 -15.65 -5.42
C LEU B 65 37.60 -14.93 -5.93
N SER B 66 37.93 -13.79 -5.32
CA SER B 66 39.08 -13.00 -5.76
C SER B 66 40.37 -13.78 -5.61
N THR B 67 40.30 -14.83 -4.79
CA THR B 67 41.46 -15.67 -4.49
C THR B 67 41.65 -16.76 -5.55
N GLY B 68 40.72 -16.79 -6.51
CA GLY B 68 40.80 -17.70 -7.65
C GLY B 68 40.08 -19.01 -7.37
N ILE B 69 39.57 -19.17 -6.15
CA ILE B 69 38.83 -20.38 -5.77
C ILE B 69 37.46 -20.38 -6.43
N GLY B 70 37.19 -21.42 -7.22
CA GLY B 70 35.92 -21.60 -7.93
C GLY B 70 35.07 -22.69 -7.29
N PHE B 71 33.91 -22.95 -7.90
CA PHE B 71 32.96 -23.91 -7.34
C PHE B 71 32.29 -24.69 -8.47
N HIS B 72 32.24 -26.00 -8.28
CA HIS B 72 31.51 -26.90 -9.15
C HIS B 72 30.07 -26.44 -9.30
N SER B 73 29.41 -26.15 -8.19
CA SER B 73 27.98 -25.86 -8.17
C SER B 73 27.65 -24.74 -7.19
N PHE B 74 26.62 -23.97 -7.53
CA PHE B 74 26.03 -23.04 -6.58
C PHE B 74 24.60 -23.50 -6.34
N ARG B 75 24.25 -23.70 -5.08
CA ARG B 75 22.92 -24.19 -4.70
C ARG B 75 22.36 -23.36 -3.54
N ILE B 76 21.04 -23.49 -3.29
CA ILE B 76 20.42 -23.01 -2.05
C ILE B 76 20.44 -21.46 -1.94
N PRO B 77 19.74 -20.78 -2.85
CA PRO B 77 19.70 -19.31 -2.91
C PRO B 77 18.92 -18.66 -1.76
N ALA B 78 19.29 -17.42 -1.46
CA ALA B 78 18.54 -16.55 -0.59
C ALA B 78 18.81 -15.13 -1.05
N VAL B 79 17.79 -14.26 -1.03
CA VAL B 79 17.97 -12.90 -1.49
C VAL B 79 17.17 -11.92 -0.62
N VAL B 80 17.78 -10.76 -0.33
CA VAL B 80 17.08 -9.68 0.38
C VAL B 80 17.49 -8.32 -0.19
N ARG B 81 16.54 -7.40 -0.22
CA ARG B 81 16.80 -5.99 -0.47
C ARG B 81 16.96 -5.31 0.90
N THR B 82 18.02 -4.54 1.07
CA THR B 82 18.32 -3.91 2.34
C THR B 82 17.51 -2.61 2.46
N THR B 83 17.61 -1.90 3.59
CA THR B 83 16.90 -0.60 3.70
C THR B 83 17.43 0.47 2.75
N THR B 84 18.64 0.26 2.21
CA THR B 84 19.21 1.22 1.26
C THR B 84 18.74 1.03 -0.18
N GLY B 85 18.19 -0.15 -0.48
CA GLY B 85 17.87 -0.51 -1.86
C GLY B 85 18.87 -1.47 -2.48
N ARG B 86 19.99 -1.68 -1.79
CA ARG B 86 20.99 -2.64 -2.25
C ARG B 86 20.39 -4.03 -2.15
N ILE B 87 20.76 -4.91 -3.08
CA ILE B 87 20.31 -6.29 -3.05
C ILE B 87 21.47 -7.21 -2.71
N LEU B 88 21.22 -8.12 -1.79
CA LEU B 88 22.22 -9.12 -1.38
C LEU B 88 21.71 -10.48 -1.78
N ALA B 89 22.52 -11.20 -2.56
CA ALA B 89 22.15 -12.54 -3.01
C ALA B 89 23.14 -13.53 -2.40
N PHE B 90 22.62 -14.57 -1.75
CA PHE B 90 23.44 -15.57 -1.08
C PHE B 90 23.29 -16.94 -1.72
N ALA B 91 24.32 -17.77 -1.58
CA ALA B 91 24.28 -19.15 -2.07
C ALA B 91 25.31 -19.99 -1.32
N GLU B 92 25.11 -21.32 -1.37
CA GLU B 92 26.15 -22.26 -1.01
C GLU B 92 27.06 -22.44 -2.21
N GLY B 93 28.35 -22.17 -1.99
CA GLY B 93 29.38 -22.53 -2.95
C GLY B 93 29.85 -23.94 -2.66
N ARG B 94 29.40 -24.87 -3.51
CA ARG B 94 29.71 -26.28 -3.35
C ARG B 94 30.96 -26.55 -4.19
N ARG B 95 32.10 -26.65 -3.49
CA ARG B 95 33.43 -26.67 -4.12
C ARG B 95 33.61 -27.71 -5.24
N HIS B 96 33.34 -28.98 -4.92
CA HIS B 96 33.79 -30.11 -5.76
C HIS B 96 32.70 -30.92 -6.44
N THR B 97 31.50 -30.96 -5.85
CA THR B 97 30.37 -31.68 -6.43
C THR B 97 29.11 -30.88 -6.10
N ASN B 98 27.95 -31.39 -6.52
CA ASN B 98 26.67 -30.79 -6.17
C ASN B 98 26.06 -31.35 -4.86
N GLN B 99 26.80 -32.20 -4.15
CA GLN B 99 26.30 -32.86 -2.93
C GLN B 99 26.15 -31.89 -1.75
N ASP B 100 25.28 -32.27 -0.80
CA ASP B 100 24.95 -31.39 0.34
C ASP B 100 26.03 -31.39 1.42
N PHE B 101 27.03 -32.25 1.28
CA PHE B 101 28.06 -32.40 2.31
C PHE B 101 29.45 -32.15 1.71
N GLY B 102 30.46 -32.11 2.58
CA GLY B 102 31.82 -31.84 2.16
C GLY B 102 32.14 -30.35 2.25
N ASP B 103 33.10 -29.92 1.43
CA ASP B 103 33.60 -28.55 1.47
C ASP B 103 32.62 -27.61 0.77
N ILE B 104 31.86 -26.89 1.59
CA ILE B 104 30.83 -25.93 1.14
C ILE B 104 30.98 -24.60 1.89
N ASN B 105 31.09 -23.51 1.14
CA ASN B 105 31.23 -22.18 1.73
C ASN B 105 29.95 -21.38 1.49
N LEU B 106 29.76 -20.31 2.25
CA LEU B 106 28.60 -19.46 2.04
C LEU B 106 29.10 -18.25 1.28
N VAL B 107 28.61 -18.10 0.05
CA VAL B 107 29.06 -17.05 -0.87
C VAL B 107 27.96 -16.02 -1.09
N TYR B 108 28.30 -14.89 -1.69
CA TYR B 108 27.30 -13.86 -1.92
C TYR B 108 27.78 -12.88 -2.97
N LYS B 109 26.84 -12.07 -3.45
CA LYS B 109 27.13 -10.94 -4.29
C LYS B 109 26.20 -9.82 -3.84
N ARG B 110 26.64 -8.58 -3.99
CA ARG B 110 25.75 -7.45 -3.81
C ARG B 110 25.61 -6.71 -5.13
N THR B 111 24.53 -5.94 -5.27
CA THR B 111 24.50 -4.94 -6.33
C THR B 111 25.55 -3.86 -6.04
N LYS B 112 26.21 -3.37 -7.08
CA LYS B 112 27.33 -2.44 -6.94
C LYS B 112 26.92 -1.16 -6.24
N THR B 113 25.68 -0.73 -6.52
CA THR B 113 25.11 0.48 -5.92
C THR B 113 23.78 0.15 -5.26
N THR B 114 23.26 1.09 -4.47
CA THR B 114 21.96 0.91 -3.83
C THR B 114 20.79 1.20 -4.76
N ALA B 115 21.09 1.69 -5.97
CA ALA B 115 20.04 2.20 -6.87
C ALA B 115 19.87 1.44 -8.19
N ASN B 116 20.79 0.55 -8.51
CA ASN B 116 20.75 -0.08 -9.83
C ASN B 116 19.79 -1.27 -9.94
N ASN B 117 19.33 -1.77 -8.80
CA ASN B 117 18.31 -2.81 -8.70
C ASN B 117 18.70 -4.14 -9.35
N GLY B 118 20.01 -4.33 -9.57
CA GLY B 118 20.51 -5.53 -10.22
C GLY B 118 19.89 -5.86 -11.57
N ALA B 119 19.63 -4.84 -12.39
CA ALA B 119 18.90 -5.03 -13.66
C ALA B 119 19.72 -5.74 -14.75
N SER B 120 21.05 -5.60 -14.69
CA SER B 120 21.96 -6.17 -15.69
C SER B 120 23.10 -6.95 -15.01
N PRO B 121 23.74 -7.90 -15.73
CA PRO B 121 24.84 -8.62 -15.11
C PRO B 121 25.90 -7.69 -14.53
N SER B 122 26.20 -6.61 -15.27
CA SER B 122 27.20 -5.64 -14.86
C SER B 122 26.82 -4.82 -13.62
N ASP B 123 25.56 -4.89 -13.20
CA ASP B 123 25.12 -4.20 -11.97
C ASP B 123 25.50 -4.93 -10.67
N TRP B 124 26.02 -6.14 -10.80
CA TRP B 124 26.37 -6.98 -9.65
C TRP B 124 27.88 -7.06 -9.42
N GLU B 125 28.29 -6.93 -8.16
CA GLU B 125 29.68 -7.13 -7.75
C GLU B 125 30.15 -8.54 -8.04
N PRO B 126 31.47 -8.73 -8.19
CA PRO B 126 32.07 -10.08 -8.27
C PRO B 126 31.72 -10.89 -7.01
N LEU B 127 31.81 -12.22 -7.12
CA LEU B 127 31.51 -13.15 -6.04
C LEU B 127 32.35 -12.90 -4.79
N ARG B 128 31.70 -12.92 -3.63
CA ARG B 128 32.37 -12.77 -2.34
C ARG B 128 32.05 -13.92 -1.38
N GLU B 129 32.72 -13.96 -0.23
CA GLU B 129 32.51 -15.06 0.72
C GLU B 129 32.06 -14.52 2.08
N VAL B 130 30.92 -15.00 2.60
CA VAL B 130 30.51 -14.67 3.96
C VAL B 130 31.37 -15.46 4.95
N VAL B 131 31.43 -16.77 4.75
CA VAL B 131 32.22 -17.67 5.59
C VAL B 131 32.61 -18.91 4.80
N GLY B 132 33.86 -19.35 4.98
CA GLY B 132 34.32 -20.51 4.26
C GLY B 132 35.33 -21.32 5.04
N SER B 133 35.50 -20.98 6.32
CA SER B 133 36.49 -21.63 7.19
C SER B 133 36.33 -23.16 7.26
N GLY B 134 37.46 -23.85 7.16
CA GLY B 134 37.51 -25.30 7.29
C GLY B 134 37.01 -25.99 6.03
N ALA B 135 36.90 -27.30 6.13
CA ALA B 135 36.43 -28.12 5.01
C ALA B 135 35.01 -28.66 5.29
N GLY B 136 34.40 -28.16 6.36
CA GLY B 136 33.01 -28.48 6.66
C GLY B 136 32.02 -27.75 5.76
N THR B 137 30.74 -27.85 6.11
CA THR B 137 29.63 -27.35 5.31
C THR B 137 29.00 -26.16 6.00
N TRP B 138 29.06 -25.00 5.36
CA TRP B 138 28.36 -23.78 5.78
C TRP B 138 27.27 -23.54 4.77
N GLY B 139 26.01 -23.56 5.21
CA GLY B 139 24.91 -23.40 4.26
C GLY B 139 23.56 -23.02 4.83
N ASN B 140 22.50 -23.28 4.06
CA ASN B 140 21.13 -22.89 4.41
C ASN B 140 21.02 -21.38 4.69
N PRO B 141 21.47 -20.53 3.74
CA PRO B 141 21.39 -19.10 4.04
C PRO B 141 19.95 -18.65 4.32
N THR B 142 19.74 -17.97 5.44
CA THR B 142 18.41 -17.52 5.82
C THR B 142 18.51 -16.11 6.39
N PRO B 143 18.54 -15.09 5.50
CA PRO B 143 18.73 -13.71 5.93
C PRO B 143 17.43 -13.00 6.31
N VAL B 144 17.57 -11.98 7.14
CA VAL B 144 16.47 -11.04 7.40
C VAL B 144 17.08 -9.66 7.68
N VAL B 145 16.48 -8.62 7.11
CA VAL B 145 16.95 -7.24 7.23
C VAL B 145 16.20 -6.53 8.36
N ASP B 146 16.95 -6.02 9.34
CA ASP B 146 16.31 -5.40 10.51
C ASP B 146 16.16 -3.90 10.28
N ASP B 147 15.39 -3.22 11.16
CA ASP B 147 14.99 -1.82 10.94
C ASP B 147 16.17 -0.87 10.84
N ASP B 148 17.25 -1.17 11.54
CA ASP B 148 18.49 -0.38 11.53
C ASP B 148 19.38 -0.71 10.35
N ASN B 149 18.89 -1.58 9.47
CA ASN B 149 19.64 -2.18 8.35
C ASN B 149 20.76 -3.16 8.74
N THR B 150 20.79 -3.60 9.99
CA THR B 150 21.59 -4.79 10.31
C THR B 150 20.98 -5.93 9.50
N ILE B 151 21.81 -6.61 8.71
CA ILE B 151 21.33 -7.77 7.97
C ILE B 151 21.76 -8.98 8.76
N TYR B 152 20.80 -9.71 9.32
CA TYR B 152 21.09 -10.96 10.00
C TYR B 152 21.11 -12.10 9.00
N LEU B 153 22.03 -13.05 9.19
CA LEU B 153 22.07 -14.22 8.33
C LEU B 153 22.20 -15.49 9.19
N PHE B 154 21.10 -16.23 9.32
CA PHE B 154 21.18 -17.53 9.97
C PHE B 154 21.70 -18.56 8.98
N LEU B 155 22.43 -19.56 9.52
CA LEU B 155 23.12 -20.58 8.75
C LEU B 155 23.13 -21.90 9.50
N SER B 156 23.12 -22.99 8.73
CA SER B 156 23.37 -24.32 9.25
C SER B 156 24.82 -24.69 9.03
N TRP B 157 25.35 -25.59 9.87
CA TRP B 157 26.72 -26.08 9.72
C TRP B 157 26.81 -27.55 10.11
N ASN B 158 27.65 -28.30 9.40
CA ASN B 158 28.11 -29.60 9.87
C ASN B 158 29.59 -29.82 9.57
N GLY B 159 30.18 -30.76 10.29
CA GLY B 159 31.60 -31.09 10.14
C GLY B 159 31.96 -31.64 8.78
N ALA B 160 33.25 -31.45 8.44
CA ALA B 160 33.86 -31.92 7.20
C ALA B 160 33.68 -33.41 6.94
N THR B 161 33.57 -34.17 8.02
CA THR B 161 33.57 -35.64 7.94
C THR B 161 32.16 -36.22 8.12
N TYR B 162 31.15 -35.35 8.14
CA TYR B 162 29.78 -35.76 8.40
C TYR B 162 28.84 -35.45 7.23
N SER B 163 27.85 -36.32 7.06
CA SER B 163 26.78 -36.09 6.10
C SER B 163 25.48 -36.68 6.61
N GLN B 164 24.37 -36.26 6.01
CA GLN B 164 23.05 -36.60 6.52
C GLN B 164 22.81 -38.12 6.59
N ASN B 165 23.21 -38.83 5.55
CA ASN B 165 23.00 -40.27 5.51
C ASN B 165 24.16 -41.07 6.10
N GLY B 166 25.35 -40.49 6.04
CA GLY B 166 26.57 -41.20 6.44
C GLY B 166 27.03 -42.15 5.35
N LYS B 167 28.28 -42.60 5.47
CA LYS B 167 28.91 -43.53 4.51
C LYS B 167 28.92 -43.02 3.07
N ASP B 168 28.89 -41.70 2.92
CA ASP B 168 29.06 -41.05 1.63
C ASP B 168 30.57 -40.90 1.38
N VAL B 169 30.99 -41.06 0.13
CA VAL B 169 32.42 -40.95 -0.19
C VAL B 169 32.77 -39.51 -0.59
N LEU B 170 33.78 -38.94 0.06
CA LEU B 170 34.27 -37.58 -0.22
C LEU B 170 35.26 -37.58 -1.41
N PRO B 171 35.57 -36.38 -1.97
CA PRO B 171 36.48 -36.36 -3.12
C PRO B 171 37.83 -37.03 -2.88
N ASP B 172 38.35 -36.97 -1.66
CA ASP B 172 39.66 -37.57 -1.34
C ASP B 172 39.56 -39.05 -0.98
N GLY B 173 38.39 -39.64 -1.17
CA GLY B 173 38.18 -41.06 -0.90
C GLY B 173 37.72 -41.43 0.50
N THR B 174 37.82 -40.49 1.43
CA THR B 174 37.35 -40.71 2.79
C THR B 174 35.82 -40.81 2.90
N VAL B 175 35.36 -41.57 3.89
CA VAL B 175 33.97 -41.92 4.04
C VAL B 175 33.42 -41.14 5.22
N THR B 176 32.27 -40.49 5.00
CA THR B 176 31.64 -39.69 6.06
C THR B 176 30.99 -40.54 7.15
N LYS B 177 30.88 -39.97 8.35
CA LYS B 177 30.03 -40.55 9.38
C LYS B 177 28.65 -39.93 9.26
N LYS B 178 27.63 -40.65 9.71
CA LYS B 178 26.27 -40.12 9.73
C LYS B 178 26.11 -39.03 10.78
N ILE B 179 25.48 -37.92 10.39
CA ILE B 179 25.15 -36.86 11.34
C ILE B 179 24.40 -37.45 12.54
N ASP B 180 24.82 -37.09 13.75
CA ASP B 180 24.29 -37.70 14.97
C ASP B 180 24.04 -36.65 16.06
N SER B 181 23.68 -37.09 17.26
CA SER B 181 23.30 -36.14 18.32
C SER B 181 24.50 -35.64 19.14
N THR B 182 25.72 -36.00 18.73
CA THR B 182 26.91 -35.54 19.43
C THR B 182 27.20 -34.09 19.06
N TRP B 183 27.94 -33.38 19.92
CA TRP B 183 28.31 -31.99 19.64
C TRP B 183 29.07 -31.90 18.32
N GLU B 184 30.02 -32.81 18.10
CA GLU B 184 30.87 -32.77 16.93
CA GLU B 184 30.87 -32.75 16.91
C GLU B 184 30.13 -33.20 15.66
N GLY B 185 29.14 -34.08 15.85
CA GLY B 185 28.42 -34.72 14.74
C GLY B 185 27.04 -34.19 14.41
N ARG B 186 26.53 -33.26 15.21
CA ARG B 186 25.21 -32.71 14.94
C ARG B 186 25.25 -31.55 13.94
N ARG B 187 24.08 -31.19 13.42
CA ARG B 187 23.97 -29.99 12.64
C ARG B 187 23.85 -28.81 13.61
N HIS B 188 24.68 -27.80 13.37
CA HIS B 188 24.74 -26.57 14.16
C HIS B 188 23.96 -25.41 13.53
N LEU B 189 23.56 -24.45 14.38
CA LEU B 189 22.86 -23.26 13.92
C LEU B 189 23.72 -22.06 14.25
N TYR B 190 24.13 -21.33 13.22
CA TYR B 190 25.01 -20.18 13.35
C TYR B 190 24.33 -18.86 12.98
N LEU B 191 24.81 -17.77 13.57
CA LEU B 191 24.35 -16.45 13.18
C LEU B 191 25.52 -15.51 12.88
N THR B 192 25.44 -14.84 11.74
CA THR B 192 26.35 -13.75 11.40
C THR B 192 25.50 -12.57 10.99
N GLU B 193 26.08 -11.38 11.00
CA GLU B 193 25.36 -10.19 10.57
C GLU B 193 26.31 -9.18 9.94
N SER B 194 25.74 -8.24 9.19
CA SER B 194 26.49 -7.15 8.59
C SER B 194 25.91 -5.82 9.05
N ARG B 195 26.79 -4.88 9.38
CA ARG B 195 26.38 -3.54 9.79
C ARG B 195 26.62 -2.52 8.67
N ASP B 196 27.20 -2.98 7.56
CA ASP B 196 27.58 -2.06 6.50
C ASP B 196 26.98 -2.44 5.16
N ASP B 197 25.67 -2.67 5.16
CA ASP B 197 24.93 -2.95 3.92
C ASP B 197 25.49 -4.16 3.17
N GLY B 198 26.00 -5.13 3.94
CA GLY B 198 26.46 -6.38 3.37
C GLY B 198 27.90 -6.38 2.94
N ASN B 199 28.60 -5.26 3.12
CA ASN B 199 29.99 -5.20 2.72
C ASN B 199 30.88 -6.21 3.45
N THR B 200 30.71 -6.29 4.78
CA THR B 200 31.47 -7.24 5.61
C THR B 200 30.56 -8.00 6.54
N TRP B 201 31.01 -9.17 6.96
CA TRP B 201 30.25 -10.04 7.86
C TRP B 201 31.07 -10.41 9.09
N SER B 202 30.39 -10.51 10.25
CA SER B 202 31.04 -10.86 11.50
C SER B 202 31.33 -12.37 11.51
N LYS B 203 32.29 -12.78 12.32
CA LYS B 203 32.54 -14.22 12.41
C LYS B 203 31.26 -14.86 12.96
N PRO B 204 30.71 -15.88 12.27
CA PRO B 204 29.45 -16.49 12.72
C PRO B 204 29.53 -17.04 14.14
N VAL B 205 28.47 -16.81 14.91
CA VAL B 205 28.41 -17.25 16.28
C VAL B 205 27.49 -18.46 16.39
N ASP B 206 27.98 -19.48 17.09
CA ASP B 206 27.22 -20.72 17.28
C ASP B 206 26.09 -20.55 18.31
N LEU B 207 24.84 -20.68 17.87
CA LEU B 207 23.66 -20.53 18.73
C LEU B 207 22.86 -21.82 18.92
N THR B 208 23.50 -22.95 18.59
CA THR B 208 22.86 -24.27 18.64
C THR B 208 22.25 -24.56 20.00
N LYS B 209 23.02 -24.34 21.08
CA LYS B 209 22.54 -24.69 22.43
C LYS B 209 21.34 -23.83 22.85
N GLU B 210 21.34 -22.58 22.35
CA GLU B 210 20.28 -21.64 22.60
C GLU B 210 19.03 -21.92 21.76
N LEU B 211 19.23 -22.21 20.48
CA LEU B 211 18.14 -22.17 19.52
C LEU B 211 17.80 -23.47 18.79
N THR B 212 18.51 -24.55 19.11
CA THR B 212 18.14 -25.87 18.58
C THR B 212 17.81 -26.76 19.75
N PRO B 213 16.71 -27.54 19.66
CA PRO B 213 16.40 -28.43 20.77
C PRO B 213 17.49 -29.45 21.07
N ASP B 214 17.65 -29.75 22.35
CA ASP B 214 18.57 -30.78 22.79
C ASP B 214 18.28 -32.15 22.19
N GLY B 215 19.33 -32.89 21.89
CA GLY B 215 19.16 -34.26 21.41
C GLY B 215 18.98 -34.36 19.92
N TRP B 216 18.89 -33.21 19.25
CA TRP B 216 18.77 -33.16 17.79
C TRP B 216 20.05 -33.55 17.06
N ALA B 217 19.88 -34.18 15.90
CA ALA B 217 21.02 -34.54 15.04
C ALA B 217 20.93 -33.65 13.80
N TRP B 218 20.15 -34.07 12.80
CA TRP B 218 19.92 -33.19 11.65
C TRP B 218 19.16 -31.95 12.10
N ASP B 219 19.46 -30.84 11.43
CA ASP B 219 18.75 -29.58 11.58
C ASP B 219 18.83 -28.77 10.28
N ALA B 220 17.92 -27.83 10.13
CA ALA B 220 17.98 -26.88 9.01
C ALA B 220 17.34 -25.58 9.45
N VAL B 221 17.90 -24.48 8.96
CA VAL B 221 17.23 -23.19 9.05
C VAL B 221 16.84 -22.77 7.61
N GLY B 222 15.66 -22.15 7.45
CA GLY B 222 15.19 -21.83 6.10
C GLY B 222 15.35 -23.06 5.21
N PRO B 223 16.03 -22.94 4.06
CA PRO B 223 16.72 -21.76 3.53
C PRO B 223 15.77 -20.79 2.79
N GLY B 224 16.14 -19.53 2.73
CA GLY B 224 15.37 -18.56 1.99
C GLY B 224 15.43 -17.19 2.64
N ASN B 225 14.56 -16.96 3.61
CA ASN B 225 14.53 -15.68 4.31
C ASN B 225 13.70 -15.73 5.56
N GLY B 226 14.01 -14.82 6.48
CA GLY B 226 13.12 -14.48 7.59
C GLY B 226 12.35 -13.21 7.30
N ILE B 227 11.46 -12.83 8.21
CA ILE B 227 10.57 -11.67 8.00
C ILE B 227 10.58 -10.75 9.21
N ARG B 228 10.12 -9.51 8.99
CA ARG B 228 9.90 -8.53 10.06
C ARG B 228 8.41 -8.21 10.09
N LEU B 229 7.77 -8.48 11.22
CA LEU B 229 6.31 -8.29 11.37
C LEU B 229 5.90 -6.82 11.49
N THR B 230 4.67 -6.51 11.10
CA THR B 230 4.11 -5.17 11.30
C THR B 230 4.26 -4.70 12.76
N THR B 231 4.25 -5.66 13.69
CA THR B 231 4.31 -5.37 15.12
C THR B 231 5.74 -5.28 15.65
N GLY B 232 6.71 -5.58 14.79
CA GLY B 232 8.12 -5.28 15.07
C GLY B 232 9.06 -6.46 15.27
N GLU B 233 8.52 -7.65 15.47
CA GLU B 233 9.33 -8.85 15.75
C GLU B 233 9.96 -9.42 14.49
N LEU B 234 11.05 -10.17 14.64
CA LEU B 234 11.60 -10.94 13.52
C LEU B 234 11.16 -12.38 13.67
N VAL B 235 10.87 -13.03 12.55
CA VAL B 235 10.53 -14.44 12.54
C VAL B 235 11.37 -15.10 11.48
N ILE B 236 12.12 -16.13 11.86
CA ILE B 236 12.96 -16.87 10.94
C ILE B 236 12.49 -18.34 10.93
N PRO B 237 12.09 -18.87 9.74
CA PRO B 237 11.57 -20.23 9.76
C PRO B 237 12.70 -21.25 9.82
N ALA B 238 12.51 -22.30 10.62
CA ALA B 238 13.49 -23.38 10.70
C ALA B 238 12.80 -24.74 10.83
N MET B 239 13.59 -25.80 10.87
CA MET B 239 13.05 -27.14 11.02
C MET B 239 12.30 -27.27 12.34
N GLY B 240 11.02 -27.61 12.23
CA GLY B 240 10.18 -27.90 13.40
C GLY B 240 9.93 -26.72 14.33
N ARG B 241 10.26 -25.51 13.88
CA ARG B 241 10.21 -24.33 14.77
C ARG B 241 10.35 -23.04 14.00
N ASN B 242 9.84 -21.96 14.59
CA ASN B 242 10.21 -20.61 14.20
C ASN B 242 11.23 -20.07 15.21
N ILE B 243 12.09 -19.17 14.76
CA ILE B 243 12.98 -18.43 15.66
C ILE B 243 12.48 -17.01 15.70
N ILE B 244 12.19 -16.52 16.89
CA ILE B 244 11.61 -15.20 17.07
C ILE B 244 12.65 -14.23 17.63
N GLY B 245 12.82 -13.09 16.97
CA GLY B 245 13.65 -12.01 17.46
C GLY B 245 12.83 -10.86 17.99
N ARG B 246 13.14 -10.41 19.20
CA ARG B 246 12.40 -9.30 19.85
C ARG B 246 13.41 -8.30 20.40
N GLY B 247 12.99 -7.05 20.56
CA GLY B 247 13.85 -6.04 21.20
C GLY B 247 14.36 -5.06 20.17
N ALA B 248 15.48 -4.41 20.47
CA ALA B 248 16.03 -3.37 19.60
C ALA B 248 16.58 -3.92 18.28
N PRO B 249 16.25 -3.25 17.15
CA PRO B 249 16.71 -3.68 15.83
C PRO B 249 18.22 -3.85 15.78
N GLY B 250 18.70 -4.96 15.21
CA GLY B 250 20.13 -5.25 15.16
C GLY B 250 20.78 -5.69 16.46
N ASN B 251 20.01 -5.70 17.55
CA ASN B 251 20.43 -6.25 18.84
C ASN B 251 19.29 -7.07 19.46
N ARG B 252 18.66 -7.89 18.63
CA ARG B 252 17.55 -8.74 19.06
C ARG B 252 17.97 -9.79 20.08
N THR B 253 17.02 -10.20 20.90
CA THR B 253 17.15 -11.42 21.68
C THR B 253 16.27 -12.48 21.00
N TRP B 254 16.69 -13.73 21.10
CA TRP B 254 16.08 -14.82 20.35
C TRP B 254 15.37 -15.80 21.28
N SER B 255 14.32 -16.42 20.75
CA SER B 255 13.61 -17.50 21.45
C SER B 255 13.06 -18.46 20.40
N VAL B 256 12.68 -19.65 20.84
CA VAL B 256 12.21 -20.68 19.92
C VAL B 256 10.71 -20.86 20.09
N GLN B 257 10.00 -20.82 18.97
CA GLN B 257 8.58 -21.20 18.95
C GLN B 257 8.49 -22.56 18.30
N ARG B 258 8.27 -23.60 19.10
CA ARG B 258 8.16 -24.97 18.57
C ARG B 258 6.87 -25.11 17.79
N LEU B 259 6.94 -25.85 16.70
CA LEU B 259 5.78 -26.05 15.84
C LEU B 259 5.52 -27.53 15.59
N SER B 260 4.30 -27.99 15.90
CA SER B 260 3.97 -29.39 15.70
C SER B 260 3.62 -29.68 14.23
N GLY B 261 4.33 -30.62 13.62
CA GLY B 261 4.03 -31.05 12.25
C GLY B 261 4.68 -30.20 11.16
N ALA B 262 5.48 -29.23 11.58
CA ALA B 262 6.28 -28.40 10.67
C ALA B 262 7.31 -29.24 9.93
N GLY B 263 7.68 -28.79 8.73
CA GLY B 263 8.69 -29.50 7.95
C GLY B 263 10.13 -29.11 8.31
N ALA B 264 11.07 -29.68 7.59
CA ALA B 264 12.49 -29.34 7.77
C ALA B 264 12.80 -28.01 7.09
N GLU B 265 12.26 -27.80 5.89
CA GLU B 265 12.51 -26.56 5.14
C GLU B 265 11.25 -25.72 5.02
N GLY B 266 11.16 -24.72 5.88
CA GLY B 266 9.95 -23.92 6.02
C GLY B 266 10.09 -22.56 5.37
N THR B 267 8.95 -21.95 5.08
CA THR B 267 8.86 -20.54 4.72
C THR B 267 7.84 -19.85 5.62
N ILE B 268 8.01 -18.56 5.79
CA ILE B 268 7.14 -17.79 6.66
C ILE B 268 6.77 -16.46 5.97
N VAL B 269 5.51 -16.06 6.13
CA VAL B 269 5.06 -14.75 5.69
C VAL B 269 3.98 -14.26 6.65
N GLN B 270 3.84 -12.94 6.74
CA GLN B 270 2.70 -12.36 7.44
C GLN B 270 1.62 -12.05 6.39
N THR B 271 0.48 -12.72 6.53
CA THR B 271 -0.60 -12.57 5.57
C THR B 271 -1.29 -11.23 5.78
N PRO B 272 -2.11 -10.78 4.82
CA PRO B 272 -2.70 -9.43 4.98
C PRO B 272 -3.50 -9.23 6.28
N ASP B 273 -4.11 -10.30 6.79
CA ASP B 273 -4.87 -10.24 8.04
C ASP B 273 -4.01 -10.01 9.30
N GLY B 274 -2.69 -9.94 9.11
CA GLY B 274 -1.73 -9.74 10.19
C GLY B 274 -1.24 -11.02 10.84
N LYS B 275 -1.78 -12.16 10.42
CA LYS B 275 -1.44 -13.44 11.03
C LYS B 275 -0.21 -14.04 10.35
N LEU B 276 0.32 -15.11 10.95
CA LEU B 276 1.49 -15.81 10.42
C LEU B 276 1.08 -16.99 9.56
N TYR B 277 1.95 -17.36 8.63
CA TYR B 277 1.64 -18.37 7.63
C TYR B 277 2.91 -19.16 7.37
N ARG B 278 2.89 -20.44 7.72
CA ARG B 278 4.02 -21.34 7.42
C ARG B 278 3.72 -22.13 6.17
N ASN B 279 4.59 -22.04 5.19
CA ASN B 279 4.38 -22.79 3.97
C ASN B 279 5.62 -23.64 3.77
N ASP B 280 5.48 -24.94 4.04
CA ASP B 280 6.64 -25.85 4.14
C ASP B 280 6.78 -26.87 3.03
N ARG B 281 8.03 -27.25 2.76
CA ARG B 281 8.37 -28.38 1.89
CA ARG B 281 8.36 -28.36 1.89
C ARG B 281 7.80 -29.65 2.54
N PRO B 282 7.01 -30.43 1.77
CA PRO B 282 6.51 -31.70 2.34
C PRO B 282 7.61 -32.74 2.42
N SER B 283 7.49 -33.70 3.34
CA SER B 283 8.48 -34.79 3.45
C SER B 283 8.42 -35.76 2.26
N GLN B 284 7.23 -35.90 1.67
CA GLN B 284 7.09 -36.72 0.47
C GLN B 284 6.45 -35.88 -0.62
N LYS B 285 6.77 -36.19 -1.87
CA LYS B 285 6.26 -35.42 -3.01
C LYS B 285 4.74 -35.35 -2.98
N GLY B 286 4.19 -34.21 -3.40
CA GLY B 286 2.75 -34.01 -3.37
C GLY B 286 2.36 -32.54 -3.37
N TYR B 287 2.27 -31.95 -2.17
CA TYR B 287 1.75 -30.59 -1.99
C TYR B 287 2.49 -29.86 -0.88
N ARG B 288 2.50 -28.54 -0.97
CA ARG B 288 3.03 -27.70 0.10
C ARG B 288 2.22 -27.95 1.36
N MET B 289 2.89 -27.88 2.51
CA MET B 289 2.23 -28.07 3.80
C MET B 289 2.09 -26.73 4.45
N VAL B 290 0.84 -26.36 4.76
CA VAL B 290 0.53 -25.03 5.23
C VAL B 290 -0.07 -25.05 6.65
N ALA B 291 0.36 -24.10 7.47
CA ALA B 291 -0.24 -23.90 8.77
C ALA B 291 -0.35 -22.39 9.01
N ARG B 292 -1.35 -21.98 9.77
CA ARG B 292 -1.51 -20.57 10.13
C ARG B 292 -1.53 -20.41 11.64
N GLY B 293 -1.13 -19.23 12.10
CA GLY B 293 -0.99 -18.99 13.52
C GLY B 293 -0.58 -17.56 13.84
N THR B 294 -0.08 -17.38 15.06
CA THR B 294 0.43 -16.12 15.55
C THR B 294 1.63 -16.45 16.41
N LEU B 295 2.24 -15.43 17.00
CA LEU B 295 3.33 -15.65 17.94
C LEU B 295 2.92 -16.44 19.19
N GLU B 296 1.60 -16.53 19.42
CA GLU B 296 1.08 -17.33 20.53
C GLU B 296 0.88 -18.80 20.19
N GLY B 297 0.96 -19.14 18.90
CA GLY B 297 0.86 -20.54 18.48
C GLY B 297 0.19 -20.74 17.13
N PHE B 298 0.36 -21.94 16.58
CA PHE B 298 -0.11 -22.28 15.24
C PHE B 298 -1.14 -23.41 15.28
N GLY B 299 -2.00 -23.46 14.26
CA GLY B 299 -2.86 -24.63 14.04
C GLY B 299 -2.06 -25.72 13.34
N ALA B 300 -2.70 -26.85 13.03
CA ALA B 300 -2.02 -27.98 12.38
C ALA B 300 -1.65 -27.69 10.93
N PHE B 301 -0.58 -28.32 10.48
CA PHE B 301 -0.19 -28.30 9.06
C PHE B 301 -1.09 -29.24 8.28
N ALA B 302 -1.52 -28.78 7.11
CA ALA B 302 -2.31 -29.61 6.21
C ALA B 302 -1.84 -29.35 4.77
N PRO B 303 -1.97 -30.37 3.89
CA PRO B 303 -1.55 -30.15 2.50
C PRO B 303 -2.42 -29.08 1.86
N ASP B 304 -1.81 -28.22 1.05
CA ASP B 304 -2.53 -27.23 0.26
C ASP B 304 -2.74 -27.80 -1.14
N ALA B 305 -3.96 -28.28 -1.39
CA ALA B 305 -4.38 -28.82 -2.69
C ALA B 305 -4.12 -27.93 -3.91
N GLY B 306 -4.04 -26.61 -3.68
CA GLY B 306 -3.83 -25.67 -4.77
C GLY B 306 -2.35 -25.50 -5.12
N LEU B 307 -1.47 -26.06 -4.29
CA LEU B 307 -0.02 -25.89 -4.45
C LEU B 307 0.76 -27.21 -4.53
N PRO B 308 0.75 -27.85 -5.72
CA PRO B 308 1.54 -29.07 -5.90
C PRO B 308 3.03 -28.77 -5.75
N ASP B 309 3.77 -29.74 -5.23
CA ASP B 309 5.20 -29.57 -4.94
C ASP B 309 5.86 -30.94 -5.00
N PRO B 310 7.09 -31.01 -5.55
CA PRO B 310 7.80 -32.28 -5.68
C PRO B 310 8.72 -32.57 -4.50
N ALA B 311 8.34 -32.11 -3.31
CA ALA B 311 9.21 -32.17 -2.13
C ALA B 311 10.51 -31.40 -2.39
N CYS B 312 10.34 -30.09 -2.60
CA CYS B 312 11.44 -29.19 -2.86
C CYS B 312 11.16 -27.88 -2.13
N GLN B 313 12.21 -27.16 -1.78
CA GLN B 313 12.04 -25.85 -1.15
C GLN B 313 11.25 -24.90 -2.06
N GLY B 314 10.55 -23.96 -1.44
CA GLY B 314 9.83 -22.93 -2.14
C GLY B 314 10.10 -21.60 -1.45
N SER B 315 9.51 -20.53 -1.96
CA SER B 315 9.65 -19.20 -1.36
C SER B 315 8.35 -18.43 -1.37
N VAL B 316 8.23 -17.48 -0.45
CA VAL B 316 7.01 -16.70 -0.29
C VAL B 316 7.41 -15.27 0.04
N LEU B 317 6.60 -14.31 -0.40
CA LEU B 317 6.94 -12.90 -0.17
C LEU B 317 5.70 -12.07 0.11
N ARG B 318 5.77 -11.23 1.13
CA ARG B 318 4.74 -10.23 1.38
C ARG B 318 5.14 -9.07 0.48
N TYR B 319 4.37 -8.87 -0.59
CA TYR B 319 4.69 -7.84 -1.59
C TYR B 319 4.27 -6.43 -1.17
N ASN B 320 3.02 -6.31 -0.72
CA ASN B 320 2.45 -5.01 -0.36
C ASN B 320 1.25 -5.25 0.53
N SER B 321 0.88 -4.23 1.31
CA SER B 321 -0.25 -4.31 2.23
C SER B 321 -1.40 -3.36 1.86
N ASP B 322 -1.12 -2.33 1.07
CA ASP B 322 -2.21 -1.46 0.59
C ASP B 322 -2.99 -2.16 -0.52
N ALA B 323 -4.17 -1.64 -0.85
CA ALA B 323 -5.06 -2.31 -1.80
C ALA B 323 -4.51 -2.32 -3.23
N PRO B 324 -4.49 -3.50 -3.87
CA PRO B 324 -4.90 -4.76 -3.25
C PRO B 324 -3.69 -5.44 -2.63
N ALA B 325 -3.82 -5.98 -1.43
CA ALA B 325 -2.67 -6.59 -0.76
C ALA B 325 -2.33 -7.90 -1.47
N ARG B 326 -1.04 -8.14 -1.64
CA ARG B 326 -0.59 -9.32 -2.39
C ARG B 326 0.46 -10.10 -1.65
N THR B 327 0.29 -11.42 -1.62
CA THR B 327 1.33 -12.34 -1.21
C THR B 327 1.83 -13.05 -2.48
N ILE B 328 3.14 -13.21 -2.60
CA ILE B 328 3.69 -13.91 -3.76
C ILE B 328 4.20 -15.28 -3.32
N PHE B 329 4.03 -16.28 -4.18
CA PHE B 329 4.57 -17.62 -3.93
C PHE B 329 5.25 -18.16 -5.16
N LEU B 330 6.33 -18.91 -4.93
CA LEU B 330 7.15 -19.43 -6.00
C LEU B 330 7.64 -20.83 -5.62
N ASN B 331 7.34 -21.80 -6.49
CA ASN B 331 7.88 -23.15 -6.36
C ASN B 331 7.81 -23.88 -7.69
N SER B 332 8.19 -25.15 -7.68
CA SER B 332 7.95 -25.98 -8.84
C SER B 332 6.55 -26.59 -8.70
N ALA B 333 5.65 -26.15 -9.57
CA ALA B 333 4.23 -26.52 -9.45
C ALA B 333 3.95 -27.87 -10.12
N SER B 334 4.46 -28.91 -9.48
CA SER B 334 4.41 -30.27 -9.97
C SER B 334 4.57 -31.20 -8.80
N GLY B 335 3.85 -32.31 -8.83
CA GLY B 335 4.01 -33.34 -7.81
C GLY B 335 5.22 -34.24 -8.05
N THR B 336 5.91 -34.05 -9.18
CA THR B 336 6.99 -34.97 -9.55
C THR B 336 8.30 -34.31 -9.97
N SER B 337 8.20 -33.13 -10.58
CA SER B 337 9.37 -32.49 -11.19
C SER B 337 9.73 -31.15 -10.55
N ARG B 338 11.03 -30.87 -10.46
CA ARG B 338 11.50 -29.54 -10.05
C ARG B 338 11.56 -28.56 -11.21
N ARG B 339 11.23 -29.02 -12.42
CA ARG B 339 11.34 -28.18 -13.62
C ARG B 339 10.04 -27.50 -14.04
N ALA B 340 9.18 -27.18 -13.07
CA ALA B 340 7.90 -26.53 -13.38
C ALA B 340 7.71 -25.24 -12.59
N MET B 341 8.77 -24.43 -12.54
CA MET B 341 8.73 -23.21 -11.74
C MET B 341 7.56 -22.30 -12.12
N ARG B 342 6.81 -21.87 -11.10
CA ARG B 342 5.63 -21.03 -11.32
C ARG B 342 5.56 -20.01 -10.20
N VAL B 343 5.47 -18.73 -10.58
CA VAL B 343 5.30 -17.66 -9.60
C VAL B 343 3.79 -17.31 -9.58
N ARG B 344 3.24 -17.00 -8.40
CA ARG B 344 1.79 -16.82 -8.20
C ARG B 344 1.48 -15.68 -7.23
N ILE B 345 0.28 -15.12 -7.34
CA ILE B 345 -0.19 -14.07 -6.43
C ILE B 345 -1.42 -14.56 -5.66
N SER B 346 -1.49 -14.27 -4.37
CA SER B 346 -2.75 -14.40 -3.62
C SER B 346 -3.22 -13.06 -3.09
N TYR B 347 -4.51 -12.77 -3.31
CA TYR B 347 -5.15 -11.57 -2.76
C TYR B 347 -5.91 -11.85 -1.45
N ASP B 348 -5.89 -13.10 -1.01
CA ASP B 348 -6.63 -13.50 0.19
C ASP B 348 -5.98 -12.99 1.49
N ALA B 349 -6.80 -12.48 2.41
CA ALA B 349 -6.37 -12.00 3.72
C ALA B 349 -5.53 -13.03 4.46
N ASP B 350 -5.81 -14.30 4.20
CA ASP B 350 -5.12 -15.44 4.79
C ASP B 350 -4.32 -16.25 3.77
N ALA B 351 -4.14 -15.72 2.56
CA ALA B 351 -3.44 -16.43 1.48
C ALA B 351 -4.01 -17.84 1.23
N LYS B 352 -5.34 -17.98 1.31
CA LYS B 352 -5.97 -19.29 1.08
C LYS B 352 -5.74 -19.83 -0.33
N LYS B 353 -5.86 -18.96 -1.33
CA LYS B 353 -5.77 -19.38 -2.72
C LYS B 353 -4.84 -18.47 -3.51
N PHE B 354 -3.98 -19.11 -4.29
CA PHE B 354 -3.13 -18.40 -5.24
C PHE B 354 -3.69 -18.60 -6.64
N ASN B 355 -3.41 -17.64 -7.52
CA ASN B 355 -3.82 -17.78 -8.91
C ASN B 355 -2.94 -18.77 -9.68
N TYR B 356 -3.26 -18.99 -10.95
CA TYR B 356 -2.41 -19.80 -11.82
C TYR B 356 -0.99 -19.21 -11.82
N GLY B 357 -0.90 -17.89 -11.97
CA GLY B 357 0.37 -17.19 -11.95
C GLY B 357 1.06 -17.25 -13.30
N ARG B 358 2.38 -17.40 -13.30
CA ARG B 358 3.09 -17.53 -14.57
C ARG B 358 4.25 -18.51 -14.48
N LYS B 359 4.42 -19.29 -15.56
CA LYS B 359 5.52 -20.21 -15.66
C LYS B 359 6.78 -19.40 -15.99
N LEU B 360 7.85 -19.62 -15.24
CA LEU B 360 9.12 -18.93 -15.53
C LEU B 360 9.65 -19.27 -16.93
N GLU B 361 9.37 -20.49 -17.38
CA GLU B 361 9.75 -20.93 -18.72
C GLU B 361 9.20 -20.01 -19.85
N ASP B 362 8.18 -19.20 -19.55
CA ASP B 362 7.68 -18.17 -20.49
C ASP B 362 8.75 -17.12 -20.85
N ALA B 363 9.70 -16.92 -19.95
CA ALA B 363 10.87 -16.06 -20.18
C ALA B 363 12.11 -16.89 -19.93
N LYS B 364 12.33 -17.88 -20.80
CA LYS B 364 13.40 -18.86 -20.62
C LYS B 364 14.80 -18.26 -20.64
N VAL B 365 15.69 -18.80 -19.81
CA VAL B 365 17.11 -18.47 -19.88
C VAL B 365 17.78 -19.57 -20.69
N SER B 366 18.63 -19.20 -21.65
CA SER B 366 19.41 -20.21 -22.37
C SER B 366 20.87 -20.26 -21.88
N GLY B 367 21.49 -21.44 -21.95
CA GLY B 367 22.89 -21.62 -21.57
C GLY B 367 23.17 -21.79 -20.09
N ALA B 368 22.11 -21.98 -19.30
CA ALA B 368 22.31 -22.16 -17.88
C ALA B 368 21.70 -23.45 -17.36
N GLY B 369 21.42 -24.41 -18.23
CA GLY B 369 20.90 -25.69 -17.77
C GLY B 369 19.39 -25.66 -17.70
N HIS B 370 18.82 -26.69 -17.10
CA HIS B 370 17.37 -26.76 -16.88
C HIS B 370 17.02 -26.01 -15.60
N GLU B 371 16.25 -24.93 -15.73
CA GLU B 371 15.83 -24.14 -14.58
C GLU B 371 14.84 -24.90 -13.72
N GLY B 372 15.00 -24.78 -12.42
CA GLY B 372 14.08 -25.39 -11.49
C GLY B 372 14.74 -25.92 -10.25
N GLY B 373 14.15 -25.59 -9.10
CA GLY B 373 14.61 -26.08 -7.81
C GLY B 373 14.30 -25.06 -6.73
N HIS B 374 15.26 -24.89 -5.80
CA HIS B 374 15.11 -23.88 -4.73
C HIS B 374 14.95 -22.50 -5.33
N SER B 375 14.23 -21.64 -4.61
CA SER B 375 14.06 -20.26 -5.03
C SER B 375 14.05 -19.29 -3.83
N SER B 376 14.23 -18.01 -4.13
CA SER B 376 14.13 -16.99 -3.09
C SER B 376 13.65 -15.70 -3.74
N MET B 377 12.70 -15.03 -3.10
CA MET B 377 12.17 -13.77 -3.67
C MET B 377 12.34 -12.57 -2.73
N THR B 378 12.61 -11.41 -3.33
CA THR B 378 12.55 -10.12 -2.63
C THR B 378 11.81 -9.11 -3.50
N LYS B 379 11.36 -8.00 -2.91
CA LYS B 379 10.83 -6.87 -3.66
C LYS B 379 12.01 -5.94 -3.89
N THR B 380 12.19 -5.49 -5.13
CA THR B 380 13.29 -4.57 -5.46
C THR B 380 12.88 -3.12 -5.21
N GLY B 381 13.86 -2.23 -5.13
CA GLY B 381 13.62 -0.79 -4.96
C GLY B 381 12.78 -0.15 -6.06
N ASP B 382 12.86 -0.71 -7.28
CA ASP B 382 12.04 -0.25 -8.40
C ASP B 382 10.76 -1.08 -8.59
N TYR B 383 10.28 -1.70 -7.52
CA TYR B 383 8.97 -2.33 -7.50
C TYR B 383 8.85 -3.46 -8.53
N LYS B 384 9.84 -4.33 -8.51
CA LYS B 384 9.76 -5.59 -9.24
C LYS B 384 9.87 -6.71 -8.22
N ILE B 385 9.52 -7.92 -8.64
CA ILE B 385 9.90 -9.09 -7.87
C ILE B 385 11.25 -9.51 -8.41
N GLY B 386 12.23 -9.65 -7.52
CA GLY B 386 13.51 -10.23 -7.87
C GLY B 386 13.59 -11.64 -7.31
N ALA B 387 13.94 -12.59 -8.16
CA ALA B 387 13.91 -14.00 -7.79
C ALA B 387 15.22 -14.69 -8.13
N LEU B 388 15.79 -15.40 -7.18
CA LEU B 388 16.87 -16.35 -7.47
C LEU B 388 16.26 -17.73 -7.69
N VAL B 389 16.68 -18.43 -8.73
CA VAL B 389 16.18 -19.79 -9.00
C VAL B 389 17.32 -20.73 -9.36
N GLU B 390 17.37 -21.87 -8.72
CA GLU B 390 18.33 -22.92 -9.10
C GLU B 390 18.14 -23.43 -10.52
N SER B 391 19.25 -23.83 -11.15
CA SER B 391 19.25 -24.52 -12.43
CA SER B 391 19.23 -24.53 -12.42
C SER B 391 20.22 -25.69 -12.39
N ASP B 392 19.95 -26.71 -13.21
CA ASP B 392 20.70 -27.97 -13.22
C ASP B 392 21.09 -28.34 -14.65
N PHE B 393 22.41 -28.41 -14.92
CA PHE B 393 22.88 -28.86 -16.24
C PHE B 393 22.64 -30.33 -16.52
N PHE B 394 22.56 -31.15 -15.47
CA PHE B 394 22.10 -32.55 -15.58
C PHE B 394 23.05 -33.41 -16.45
N ASN B 395 24.32 -32.99 -16.52
CA ASN B 395 25.35 -33.67 -17.31
C ASN B 395 25.76 -35.03 -16.73
N ASP B 396 25.32 -35.30 -15.50
CA ASP B 396 25.62 -36.55 -14.79
C ASP B 396 24.29 -37.08 -14.25
N GLY B 397 23.19 -36.72 -14.91
CA GLY B 397 21.85 -37.02 -14.41
C GLY B 397 21.68 -36.60 -12.96
N THR B 398 21.16 -37.49 -12.13
CA THR B 398 20.96 -37.21 -10.70
C THR B 398 22.28 -37.27 -9.91
N GLY B 399 23.36 -37.70 -10.57
CA GLY B 399 24.66 -37.87 -9.93
C GLY B 399 25.37 -36.59 -9.48
N LYS B 400 26.43 -36.78 -8.70
CA LYS B 400 27.19 -35.69 -8.06
C LYS B 400 27.90 -34.71 -9.00
N ASN B 401 28.12 -35.09 -10.25
CA ASN B 401 28.90 -34.22 -11.12
C ASN B 401 28.03 -33.29 -11.97
N SER B 402 26.72 -33.32 -11.75
CA SER B 402 25.81 -32.45 -12.47
C SER B 402 25.94 -31.01 -11.97
N TYR B 403 26.40 -30.13 -12.86
CA TYR B 403 26.68 -28.75 -12.48
C TYR B 403 25.38 -28.03 -12.21
N ARG B 404 25.41 -27.20 -11.16
CA ARG B 404 24.23 -26.45 -10.71
C ARG B 404 24.54 -24.97 -10.69
N ALA B 405 23.66 -24.18 -11.28
CA ALA B 405 23.85 -22.73 -11.35
C ALA B 405 22.64 -22.01 -10.76
N ILE B 406 22.74 -20.70 -10.63
CA ILE B 406 21.65 -19.89 -10.07
C ILE B 406 21.32 -18.70 -10.98
N ILE B 407 20.06 -18.65 -11.41
CA ILE B 407 19.51 -17.61 -12.27
C ILE B 407 18.92 -16.49 -11.40
N TRP B 408 19.11 -15.24 -11.82
CA TRP B 408 18.43 -14.10 -11.23
C TRP B 408 17.36 -13.61 -12.19
N ARG B 409 16.17 -13.32 -11.66
CA ARG B 409 15.07 -12.81 -12.47
C ARG B 409 14.49 -11.59 -11.82
N ARG B 410 14.07 -10.64 -12.66
CA ARG B 410 13.26 -9.52 -12.24
C ARG B 410 12.05 -9.48 -13.16
N PHE B 411 10.89 -9.25 -12.57
CA PHE B 411 9.66 -9.09 -13.33
C PHE B 411 8.70 -8.23 -12.52
N ASN B 412 7.89 -7.44 -13.22
CA ASN B 412 6.83 -6.70 -12.55
C ASN B 412 5.59 -7.55 -12.43
N LEU B 413 4.60 -7.02 -11.71
CA LEU B 413 3.36 -7.75 -11.48
C LEU B 413 2.61 -7.98 -12.80
N SER B 414 2.68 -6.99 -13.69
CA SER B 414 2.10 -7.07 -15.03
C SER B 414 2.56 -8.30 -15.79
N TRP B 415 3.86 -8.62 -15.71
CA TRP B 415 4.37 -9.80 -16.37
C TRP B 415 3.63 -11.07 -15.90
N ILE B 416 3.43 -11.19 -14.59
CA ILE B 416 2.69 -12.33 -14.03
C ILE B 416 1.25 -12.35 -14.47
N LEU B 417 0.60 -11.19 -14.34
CA LEU B 417 -0.82 -11.07 -14.55
C LEU B 417 -1.23 -11.17 -16.02
N ASN B 418 -0.33 -10.80 -16.93
CA ASN B 418 -0.60 -10.88 -18.36
C ASN B 418 -0.18 -12.20 -18.99
N GLY B 419 0.29 -13.13 -18.16
CA GLY B 419 0.54 -14.50 -18.58
C GLY B 419 -0.77 -15.21 -18.88
N PRO B 420 -0.72 -16.32 -19.62
CA PRO B 420 -1.95 -17.08 -19.91
C PRO B 420 -2.63 -17.67 -18.66
N ASN B 421 -3.94 -17.89 -18.74
CA ASN B 421 -4.71 -18.59 -17.69
C ASN B 421 -5.06 -17.78 -16.43
N ASN B 422 -4.78 -16.48 -16.46
CA ASN B 422 -5.18 -15.59 -15.37
C ASN B 422 -6.37 -14.72 -15.77
NA NA C . -35.80 24.84 0.68
C1 GOL D . -20.57 27.72 1.83
O1 GOL D . -21.58 26.79 1.58
C2 GOL D . -20.22 28.42 0.53
O2 GOL D . -20.95 29.61 0.41
C3 GOL D . -18.73 28.47 0.20
O3 GOL D . -17.95 29.43 0.88
C1 GOL E . -11.78 16.00 23.50
O1 GOL E . -12.67 15.60 22.51
C2 GOL E . -10.88 17.05 22.88
O2 GOL E . -11.55 17.55 21.75
C3 GOL E . -9.57 16.41 22.46
O3 GOL E . -9.68 15.76 21.21
C1 GOL F . 25.22 0.03 11.73
O1 GOL F . 25.29 -0.63 12.97
C2 GOL F . 23.83 0.59 11.56
O2 GOL F . 23.35 1.25 12.74
C3 GOL F . 23.01 -0.63 11.21
O3 GOL F . 23.09 -0.80 9.81
NA NA G . 35.56 -24.28 3.09
C1 GOL H . 19.58 -24.53 -22.06
O1 GOL H . 19.90 -23.62 -23.09
C2 GOL H . 20.66 -25.59 -21.92
O2 GOL H . 21.82 -25.02 -21.35
C3 GOL H . 20.17 -26.74 -21.02
O3 GOL H . 19.19 -27.52 -21.66
C1 GOL I . 19.69 -30.44 2.18
O1 GOL I . 20.06 -29.68 3.32
C2 GOL I . 19.92 -29.67 0.88
O2 GOL I . 21.14 -28.95 0.92
C3 GOL I . 18.75 -28.71 0.63
O3 GOL I . 17.52 -29.39 0.78
#